data_3N9X
#
_entry.id   3N9X
#
_cell.length_a   112.315
_cell.length_b   120.727
_cell.length_c   96.499
_cell.angle_alpha   90.000
_cell.angle_beta   90.000
_cell.angle_gamma   90.000
#
_symmetry.space_group_name_H-M   'P 21 21 2'
#
loop_
_entity.id
_entity.type
_entity.pdbx_description
1 polymer Phosphotransferase
2 non-polymer GLYCEROL
3 water water
#
_entity_poly.entity_id   1
_entity_poly.type   'polypeptide(L)'
_entity_poly.pdbx_seq_one_letter_code
;MHHHHHHSSGRENLYFQGIKNVHVPDNYIIKHLIGRGSYGYVYLAYDKNTEKNVAIKKVNRMFEDLIDCKRILREITILN
RLKSDYIIRLYDLIIPDDLLKFDELYIVLEIADSDLKKLFKTPIFLTEEHIKTILYNLLLGENFIHESGIIHRDLKPANC
LLNQDCSVKVCDFGLARTINSEKDTNIVNDLEENEEPGPHNKNLKKQLTSHVVTRWYRAPELILLQENYTKSIDIWSTGC
IFAELLNMLQSHINDPTNRFPLFPGSSCFPLSPDRNSKKVHEKSNRDQLNIIFNIIGTPTEDDLKNINKPEVIKYIKLFP
HRKPINLKQKYPSISDDGINLLESMLKFNPNKRITIDQALDHPYLKDVRKKKLENFSTKKIILPFDDWMVLSETQLRYIF
LKEVQSFHPELVIPSVFTIHENNFYNNEKPSS
;
_entity_poly.pdbx_strand_id   A,B
#
# COMPACT_ATOMS: atom_id res chain seq x y z
N ARG A 11 30.65 -3.98 1.17
CA ARG A 11 29.16 -3.81 1.14
C ARG A 11 28.80 -2.68 0.18
N GLU A 12 28.03 -3.00 -0.85
CA GLU A 12 27.57 -1.99 -1.78
C GLU A 12 26.40 -1.17 -1.20
N ASN A 13 26.40 0.13 -1.50
CA ASN A 13 25.25 0.99 -1.27
C ASN A 13 23.98 0.39 -1.86
N LEU A 14 22.86 0.64 -1.18
CA LEU A 14 21.57 0.25 -1.71
C LEU A 14 21.04 1.33 -2.66
N TYR A 15 20.54 0.89 -3.81
CA TYR A 15 19.94 1.81 -4.78
C TYR A 15 18.47 1.46 -4.92
N PHE A 16 17.66 2.11 -4.09
CA PHE A 16 16.30 1.65 -3.77
C PHE A 16 15.32 1.53 -4.95
N GLN A 17 15.46 2.40 -5.96
CA GLN A 17 14.53 2.43 -7.11
C GLN A 17 14.80 1.39 -8.21
N GLY A 18 15.98 0.76 -8.17
CA GLY A 18 16.31 -0.28 -9.15
C GLY A 18 16.55 0.18 -10.58
N ILE A 19 16.84 1.48 -10.75
CA ILE A 19 17.13 2.06 -12.07
C ILE A 19 18.23 1.30 -12.84
N LYS A 20 19.18 0.73 -12.10
CA LYS A 20 20.29 -0.04 -12.68
C LYS A 20 19.86 -1.33 -13.39
N ASN A 21 18.73 -1.89 -12.99
CA ASN A 21 18.17 -3.09 -13.62
C ASN A 21 17.50 -2.80 -14.98
N VAL A 22 17.30 -1.53 -15.29
CA VAL A 22 16.52 -1.14 -16.46
C VAL A 22 17.44 -0.85 -17.65
N HIS A 23 17.48 -1.78 -18.59
CA HIS A 23 18.35 -1.66 -19.76
C HIS A 23 17.52 -1.48 -21.01
N VAL A 24 17.58 -0.27 -21.56
CA VAL A 24 16.80 0.12 -22.72
C VAL A 24 17.72 0.90 -23.67
N PRO A 25 17.32 1.06 -24.95
CA PRO A 25 18.13 1.84 -25.88
C PRO A 25 18.37 3.31 -25.47
N ASP A 26 19.44 3.88 -26.03
CA ASP A 26 19.94 5.25 -25.78
C ASP A 26 18.94 6.40 -25.78
N ASN A 27 17.93 6.32 -26.64
CA ASN A 27 16.95 7.40 -26.76
C ASN A 27 16.10 7.57 -25.50
N TYR A 28 15.99 6.50 -24.71
CA TYR A 28 15.22 6.53 -23.47
C TYR A 28 16.10 6.86 -22.26
N ILE A 29 15.77 7.96 -21.58
CA ILE A 29 16.45 8.29 -20.32
C ILE A 29 15.57 7.89 -19.15
N ILE A 30 16.00 6.87 -18.42
CA ILE A 30 15.29 6.39 -17.24
C ILE A 30 15.46 7.40 -16.11
N LYS A 31 14.34 7.85 -15.55
CA LYS A 31 14.38 8.92 -14.55
C LYS A 31 14.15 8.40 -13.13
N HIS A 32 13.02 7.74 -12.91
CA HIS A 32 12.73 7.14 -11.60
C HIS A 32 11.62 6.10 -11.66
N LEU A 33 11.54 5.31 -10.59
CA LEU A 33 10.51 4.31 -10.43
C LEU A 33 9.17 4.97 -10.12
N ILE A 34 8.15 4.64 -10.91
CA ILE A 34 6.81 5.15 -10.65
C ILE A 34 6.14 4.25 -9.62
N GLY A 35 6.21 2.93 -9.83
CA GLY A 35 5.55 1.97 -8.96
C GLY A 35 5.31 0.64 -9.67
N ARG A 36 4.41 -0.15 -9.09
CA ARG A 36 4.07 -1.45 -9.61
C ARG A 36 3.00 -1.32 -10.70
N GLY A 37 3.20 -2.02 -11.81
CA GLY A 37 2.19 -2.17 -12.85
C GLY A 37 1.77 -3.62 -12.87
N SER A 38 0.92 -4.01 -13.82
CA SER A 38 0.60 -5.44 -13.96
C SER A 38 1.83 -6.22 -14.43
N TYR A 39 2.20 -7.27 -13.68
CA TYR A 39 3.34 -8.16 -14.04
C TYR A 39 4.73 -7.51 -14.06
N GLY A 40 4.86 -6.29 -13.56
CA GLY A 40 6.17 -5.66 -13.51
C GLY A 40 6.18 -4.25 -12.99
N TYR A 41 7.38 -3.67 -12.87
CA TYR A 41 7.57 -2.33 -12.34
C TYR A 41 7.65 -1.31 -13.44
N VAL A 42 7.14 -0.12 -13.17
CA VAL A 42 6.99 0.93 -14.19
C VAL A 42 7.90 2.12 -13.84
N TYR A 43 8.61 2.63 -14.85
CA TYR A 43 9.56 3.72 -14.68
C TYR A 43 9.20 4.89 -15.56
N LEU A 44 9.41 6.10 -15.03
CA LEU A 44 9.34 7.31 -15.82
C LEU A 44 10.61 7.43 -16.65
N ALA A 45 10.43 7.68 -17.95
CA ALA A 45 11.53 7.89 -18.85
C ALA A 45 11.25 9.06 -19.80
N TYR A 46 12.30 9.72 -20.25
CA TYR A 46 12.18 10.70 -21.31
C TYR A 46 12.66 10.09 -22.62
N ASP A 47 11.84 10.21 -23.65
CA ASP A 47 12.21 9.73 -24.98
C ASP A 47 12.71 10.90 -25.82
N LYS A 48 14.02 10.94 -26.04
CA LYS A 48 14.68 12.00 -26.82
C LYS A 48 14.20 12.07 -28.26
N ASN A 49 13.85 10.92 -28.83
CA ASN A 49 13.45 10.85 -30.24
C ASN A 49 12.12 11.51 -30.53
N THR A 50 11.20 11.46 -29.56
CA THR A 50 9.87 12.05 -29.72
C THR A 50 9.61 13.23 -28.77
N GLU A 51 10.59 13.56 -27.93
CA GLU A 51 10.53 14.74 -27.05
C GLU A 51 9.37 14.71 -26.05
N LYS A 52 9.14 13.54 -25.46
CA LYS A 52 8.08 13.39 -24.49
C LYS A 52 8.45 12.38 -23.40
N ASN A 53 7.81 12.52 -22.24
CA ASN A 53 7.90 11.54 -21.18
C ASN A 53 7.03 10.33 -21.49
N VAL A 54 7.49 9.15 -21.07
CA VAL A 54 6.79 7.88 -21.30
C VAL A 54 6.90 7.04 -20.03
N ALA A 55 6.08 6.00 -19.91
CA ALA A 55 6.22 5.02 -18.84
C ALA A 55 6.81 3.74 -19.43
N ILE A 56 7.85 3.21 -18.80
CA ILE A 56 8.43 1.96 -19.28
C ILE A 56 8.24 0.89 -18.24
N LYS A 57 7.47 -0.13 -18.60
CA LYS A 57 7.27 -1.26 -17.73
C LYS A 57 8.20 -2.41 -18.10
N LYS A 58 8.95 -2.89 -17.11
CA LYS A 58 9.77 -4.08 -17.29
C LYS A 58 9.04 -5.28 -16.72
N VAL A 59 8.69 -6.24 -17.57
CA VAL A 59 8.13 -7.49 -17.10
C VAL A 59 9.24 -8.55 -17.14
N ASN A 60 9.46 -9.19 -15.99
N ASN A 60 9.48 -9.23 -16.04
CA ASN A 60 10.47 -10.22 -15.78
CA ASN A 60 10.52 -10.26 -16.04
C ASN A 60 9.85 -11.61 -15.67
C ASN A 60 9.97 -11.64 -15.66
N ARG A 61 10.71 -12.63 -15.63
N ARG A 61 10.82 -12.65 -15.76
CA ARG A 61 10.25 -14.01 -15.44
CA ARG A 61 10.39 -14.04 -15.55
C ARG A 61 9.06 -14.36 -16.33
C ARG A 61 9.12 -14.35 -16.33
N MET A 62 9.12 -13.93 -17.60
CA MET A 62 7.97 -14.01 -18.49
C MET A 62 7.40 -15.39 -18.73
N PHE A 63 8.28 -16.36 -18.94
CA PHE A 63 7.85 -17.70 -19.33
C PHE A 63 7.83 -18.70 -18.18
N GLU A 64 8.11 -18.22 -16.97
CA GLU A 64 8.08 -19.04 -15.77
C GLU A 64 6.69 -19.64 -15.53
N ASP A 65 5.67 -18.82 -15.74
CA ASP A 65 4.28 -19.24 -15.57
C ASP A 65 3.54 -18.87 -16.85
N LEU A 66 3.12 -19.90 -17.60
CA LEU A 66 2.52 -19.67 -18.92
C LEU A 66 1.12 -19.05 -18.89
N ILE A 67 0.44 -19.16 -17.76
CA ILE A 67 -0.84 -18.47 -17.55
C ILE A 67 -0.62 -16.96 -17.53
N ASP A 68 0.32 -16.50 -16.70
CA ASP A 68 0.70 -15.10 -16.67
C ASP A 68 1.27 -14.63 -18.01
N CYS A 69 2.09 -15.48 -18.63
CA CYS A 69 2.69 -15.14 -19.93
C CYS A 69 1.62 -14.80 -20.97
N LYS A 70 0.61 -15.64 -21.08
CA LYS A 70 -0.48 -15.43 -22.03
C LYS A 70 -1.26 -14.16 -21.67
N ARG A 71 -1.43 -13.88 -20.37
CA ARG A 71 -2.09 -12.65 -19.92
C ARG A 71 -1.29 -11.39 -20.29
N ILE A 72 0.03 -11.47 -20.16
CA ILE A 72 0.92 -10.40 -20.59
C ILE A 72 0.76 -10.17 -22.10
N LEU A 73 0.78 -11.27 -22.86
CA LEU A 73 0.51 -11.18 -24.30
C LEU A 73 -0.85 -10.57 -24.63
N ARG A 74 -1.89 -10.99 -23.92
CA ARG A 74 -3.23 -10.42 -24.14
C ARG A 74 -3.23 -8.93 -23.80
N GLU A 75 -2.57 -8.58 -22.70
CA GLU A 75 -2.46 -7.19 -22.30
C GLU A 75 -1.87 -6.33 -23.43
N ILE A 76 -0.77 -6.77 -24.05
CA ILE A 76 -0.14 -5.96 -25.10
C ILE A 76 -0.84 -6.02 -26.46
N THR A 77 -1.43 -7.17 -26.81
CA THR A 77 -2.09 -7.30 -28.12
C THR A 77 -3.36 -6.44 -28.19
N ILE A 78 -4.12 -6.42 -27.09
CA ILE A 78 -5.29 -5.54 -27.00
C ILE A 78 -4.89 -4.05 -27.05
N LEU A 79 -3.96 -3.61 -26.19
CA LEU A 79 -3.48 -2.22 -26.22
C LEU A 79 -2.96 -1.77 -27.57
N ASN A 80 -2.27 -2.66 -28.27
CA ASN A 80 -1.74 -2.40 -29.61
C ASN A 80 -2.86 -2.19 -30.62
N ARG A 81 -4.06 -2.71 -30.31
CA ARG A 81 -5.17 -2.65 -31.28
C ARG A 81 -6.26 -1.62 -30.95
N LEU A 82 -6.27 -1.13 -29.71
CA LEU A 82 -7.17 -0.05 -29.31
C LEU A 82 -6.51 1.30 -29.58
N LYS A 83 -7.29 2.20 -30.16
N LYS A 83 -7.28 2.23 -30.15
CA LYS A 83 -6.86 3.55 -30.46
CA LYS A 83 -6.76 3.56 -30.41
C LYS A 83 -7.94 4.48 -29.94
C LYS A 83 -7.79 4.63 -30.04
N SER A 84 -7.65 5.15 -28.82
CA SER A 84 -8.62 6.07 -28.21
C SER A 84 -7.93 6.93 -27.17
N ASP A 85 -8.38 8.18 -27.04
CA ASP A 85 -7.89 9.06 -25.98
C ASP A 85 -8.26 8.53 -24.60
N TYR A 86 -9.21 7.59 -24.53
CA TYR A 86 -9.63 6.98 -23.25
C TYR A 86 -8.82 5.75 -22.84
N ILE A 87 -7.85 5.37 -23.67
CA ILE A 87 -7.07 4.15 -23.47
C ILE A 87 -5.58 4.47 -23.58
N ILE A 88 -4.81 4.02 -22.60
CA ILE A 88 -3.36 4.23 -22.63
C ILE A 88 -2.76 3.74 -23.96
N ARG A 89 -2.00 4.60 -24.61
CA ARG A 89 -1.32 4.21 -25.83
C ARG A 89 -0.11 3.32 -25.57
N LEU A 90 0.08 2.32 -26.42
CA LEU A 90 1.32 1.56 -26.47
C LEU A 90 2.25 2.21 -27.50
N TYR A 91 3.34 2.80 -27.03
CA TYR A 91 4.28 3.50 -27.90
C TYR A 91 5.37 2.63 -28.48
N ASP A 92 5.73 1.54 -27.80
CA ASP A 92 6.90 0.77 -28.20
C ASP A 92 6.95 -0.55 -27.44
N LEU A 93 7.43 -1.58 -28.13
CA LEU A 93 7.86 -2.81 -27.51
C LEU A 93 9.33 -2.98 -27.91
N ILE A 94 10.21 -2.89 -26.91
CA ILE A 94 11.65 -2.87 -27.17
C ILE A 94 12.15 -4.26 -27.65
N ILE A 95 13.00 -4.25 -28.66
CA ILE A 95 13.57 -5.47 -29.19
C ILE A 95 14.39 -6.16 -28.09
N PRO A 96 14.05 -7.42 -27.76
CA PRO A 96 14.84 -8.16 -26.76
C PRO A 96 16.30 -8.37 -27.22
N ASP A 97 17.25 -8.32 -26.29
CA ASP A 97 18.66 -8.64 -26.61
C ASP A 97 18.84 -10.03 -27.20
N ASP A 98 18.04 -10.98 -26.72
CA ASP A 98 18.15 -12.36 -27.15
C ASP A 98 16.81 -12.83 -27.70
N LEU A 99 16.69 -12.82 -29.02
CA LEU A 99 15.44 -13.19 -29.70
C LEU A 99 15.00 -14.62 -29.44
N LEU A 100 15.96 -15.50 -29.12
CA LEU A 100 15.63 -16.90 -28.88
C LEU A 100 15.22 -17.16 -27.45
N LYS A 101 15.89 -16.49 -26.51
CA LYS A 101 15.81 -16.87 -25.10
C LYS A 101 15.31 -15.79 -24.15
N PHE A 102 14.85 -14.65 -24.68
CA PHE A 102 14.40 -13.54 -23.83
C PHE A 102 13.41 -14.02 -22.76
N ASP A 103 13.62 -13.58 -21.53
CA ASP A 103 12.68 -13.90 -20.44
C ASP A 103 12.13 -12.62 -19.80
N GLU A 104 12.35 -11.49 -20.48
CA GLU A 104 11.79 -10.21 -20.07
C GLU A 104 11.34 -9.39 -21.27
N LEU A 105 10.53 -8.36 -21.02
CA LEU A 105 10.08 -7.48 -22.07
C LEU A 105 9.92 -6.07 -21.50
N TYR A 106 10.35 -5.08 -22.28
CA TYR A 106 10.17 -3.68 -21.91
C TYR A 106 9.04 -3.11 -22.74
N ILE A 107 8.02 -2.63 -22.03
CA ILE A 107 6.77 -2.16 -22.63
C ILE A 107 6.69 -0.65 -22.42
N VAL A 108 6.62 0.11 -23.51
CA VAL A 108 6.64 1.56 -23.43
C VAL A 108 5.22 2.12 -23.67
N LEU A 109 4.76 2.89 -22.68
CA LEU A 109 3.38 3.33 -22.59
C LEU A 109 3.27 4.83 -22.48
N GLU A 110 2.12 5.34 -22.91
CA GLU A 110 1.72 6.69 -22.62
C GLU A 110 1.75 6.93 -21.11
N ILE A 111 2.34 8.06 -20.71
CA ILE A 111 2.43 8.46 -19.31
C ILE A 111 1.15 9.17 -18.87
N ALA A 112 0.71 8.91 -17.65
CA ALA A 112 -0.32 9.71 -17.00
C ALA A 112 0.22 10.32 -15.71
N ASP A 113 -0.45 11.37 -15.24
CA ASP A 113 -0.02 12.04 -14.01
C ASP A 113 -0.13 11.15 -12.79
N SER A 114 -1.12 10.27 -12.76
CA SER A 114 -1.40 9.47 -11.58
C SER A 114 -2.33 8.31 -11.96
N ASP A 115 -2.91 7.66 -10.95
CA ASP A 115 -3.98 6.68 -11.18
C ASP A 115 -4.87 6.73 -9.96
N LEU A 116 -6.04 6.11 -10.05
CA LEU A 116 -7.02 6.23 -8.96
C LEU A 116 -6.52 5.63 -7.65
N LYS A 117 -5.80 4.51 -7.72
CA LYS A 117 -5.22 3.91 -6.52
C LYS A 117 -4.28 4.88 -5.80
N LYS A 118 -3.37 5.49 -6.55
CA LYS A 118 -2.48 6.51 -6.01
C LYS A 118 -3.27 7.72 -5.49
N LEU A 119 -4.24 8.17 -6.28
CA LEU A 119 -5.08 9.32 -5.88
C LEU A 119 -5.67 9.16 -4.49
N PHE A 120 -6.30 8.01 -4.24
CA PHE A 120 -6.98 7.79 -2.98
C PHE A 120 -6.06 7.84 -1.76
N LYS A 121 -4.76 7.60 -1.97
CA LYS A 121 -3.72 7.66 -0.92
C LYS A 121 -3.10 9.07 -0.73
N THR A 122 -3.38 9.98 -1.64
CA THR A 122 -2.78 11.32 -1.59
C THR A 122 -3.48 12.17 -0.53
N PRO A 123 -2.76 13.14 0.06
CA PRO A 123 -3.39 13.98 1.07
C PRO A 123 -4.26 15.12 0.50
N ILE A 124 -4.74 14.99 -0.73
CA ILE A 124 -5.67 15.99 -1.27
C ILE A 124 -7.13 15.55 -1.24
N PHE A 125 -8.03 16.50 -1.47
CA PHE A 125 -9.46 16.23 -1.53
C PHE A 125 -10.00 16.61 -2.90
N LEU A 126 -11.12 16.00 -3.30
CA LEU A 126 -11.74 16.30 -4.57
C LEU A 126 -13.05 17.06 -4.35
N THR A 127 -13.40 17.94 -5.28
CA THR A 127 -14.76 18.53 -5.28
C THR A 127 -15.69 17.50 -5.90
N GLU A 128 -17.00 17.74 -5.76
CA GLU A 128 -17.98 16.87 -6.38
C GLU A 128 -17.94 16.95 -7.91
N GLU A 129 -17.57 18.11 -8.45
CA GLU A 129 -17.34 18.26 -9.88
C GLU A 129 -16.22 17.34 -10.39
N HIS A 130 -15.11 17.28 -9.64
CA HIS A 130 -14.01 16.38 -9.99
C HIS A 130 -14.51 14.94 -10.05
N ILE A 131 -15.26 14.54 -9.02
CA ILE A 131 -15.76 13.19 -8.90
C ILE A 131 -16.64 12.78 -10.10
N LYS A 132 -17.58 13.65 -10.44
CA LYS A 132 -18.47 13.43 -11.59
C LYS A 132 -17.70 13.40 -12.91
N THR A 133 -16.67 14.25 -13.03
CA THR A 133 -15.90 14.33 -14.25
C THR A 133 -15.09 13.05 -14.47
N ILE A 134 -14.44 12.59 -13.41
CA ILE A 134 -13.66 11.34 -13.45
C ILE A 134 -14.57 10.16 -13.79
N LEU A 135 -15.72 10.06 -13.11
CA LEU A 135 -16.66 8.97 -13.34
C LEU A 135 -17.18 8.97 -14.79
N TYR A 136 -17.62 10.15 -15.25
CA TYR A 136 -18.06 10.34 -16.62
C TYR A 136 -17.00 9.92 -17.63
N ASN A 137 -15.75 10.36 -17.43
CA ASN A 137 -14.65 9.94 -18.29
C ASN A 137 -14.36 8.43 -18.26
N LEU A 138 -14.44 7.83 -17.08
CA LEU A 138 -14.30 6.38 -16.96
C LEU A 138 -15.38 5.69 -17.80
N LEU A 139 -16.62 6.11 -17.63
CA LEU A 139 -17.76 5.54 -18.36
C LEU A 139 -17.59 5.64 -19.88
N LEU A 140 -17.07 6.78 -20.36
CA LEU A 140 -16.75 6.95 -21.76
C LEU A 140 -15.70 5.92 -22.25
N GLY A 141 -14.67 5.70 -21.44
CA GLY A 141 -13.64 4.71 -21.74
C GLY A 141 -14.21 3.31 -21.85
N GLU A 142 -15.03 2.93 -20.86
CA GLU A 142 -15.69 1.63 -20.84
C GLU A 142 -16.58 1.43 -22.05
N ASN A 143 -17.29 2.49 -22.44
CA ASN A 143 -18.16 2.38 -23.59
C ASN A 143 -17.36 2.10 -24.87
N PHE A 144 -16.22 2.76 -25.01
CA PHE A 144 -15.31 2.47 -26.11
C PHE A 144 -14.79 1.02 -26.06
N ILE A 145 -14.43 0.56 -24.86
CA ILE A 145 -13.98 -0.83 -24.66
C ILE A 145 -15.07 -1.80 -25.12
N HIS A 146 -16.27 -1.68 -24.54
CA HIS A 146 -17.37 -2.57 -24.89
C HIS A 146 -17.73 -2.57 -26.38
N GLU A 147 -17.81 -1.39 -26.99
N GLU A 147 -17.83 -1.38 -26.98
CA GLU A 147 -18.11 -1.27 -28.42
CA GLU A 147 -18.09 -1.24 -28.42
C GLU A 147 -16.97 -1.78 -29.32
C GLU A 147 -17.03 -1.98 -29.24
N SER A 148 -15.81 -1.98 -28.74
CA SER A 148 -14.68 -2.61 -29.43
C SER A 148 -14.72 -4.14 -29.31
N GLY A 149 -15.74 -4.65 -28.63
CA GLY A 149 -15.98 -6.08 -28.47
C GLY A 149 -15.23 -6.74 -27.31
N ILE A 150 -14.89 -5.93 -26.31
CA ILE A 150 -14.07 -6.36 -25.17
C ILE A 150 -14.80 -6.14 -23.84
N ILE A 151 -14.71 -7.10 -22.95
CA ILE A 151 -15.01 -6.91 -21.54
C ILE A 151 -13.67 -6.82 -20.82
N HIS A 152 -13.40 -5.69 -20.15
CA HIS A 152 -12.13 -5.52 -19.43
C HIS A 152 -11.93 -6.61 -18.35
N ARG A 153 -12.96 -6.81 -17.51
CA ARG A 153 -13.02 -7.91 -16.53
C ARG A 153 -12.15 -7.72 -15.27
N ASP A 154 -11.29 -6.69 -15.26
CA ASP A 154 -10.44 -6.45 -14.08
C ASP A 154 -10.24 -4.96 -13.80
N LEU A 155 -11.29 -4.17 -14.00
N LEU A 155 -11.30 -4.16 -14.02
CA LEU A 155 -11.23 -2.74 -13.69
CA LEU A 155 -11.26 -2.75 -13.66
C LEU A 155 -11.05 -2.54 -12.21
C LEU A 155 -10.98 -2.61 -12.19
N LYS A 156 -10.03 -1.75 -11.86
CA LYS A 156 -9.74 -1.41 -10.47
C LYS A 156 -9.03 -0.06 -10.44
N PRO A 157 -8.96 0.57 -9.26
CA PRO A 157 -8.29 1.87 -9.19
C PRO A 157 -6.89 1.86 -9.80
N ALA A 158 -6.15 0.75 -9.66
CA ALA A 158 -4.78 0.66 -10.15
C ALA A 158 -4.65 0.75 -11.68
N ASN A 159 -5.71 0.45 -12.41
CA ASN A 159 -5.64 0.50 -13.87
C ASN A 159 -6.53 1.56 -14.51
N CYS A 160 -7.01 2.48 -13.68
CA CYS A 160 -7.68 3.68 -14.18
C CYS A 160 -6.70 4.82 -13.98
N LEU A 161 -5.97 5.16 -15.04
CA LEU A 161 -4.99 6.23 -14.96
C LEU A 161 -5.69 7.59 -15.07
N LEU A 162 -5.03 8.61 -14.54
CA LEU A 162 -5.69 9.88 -14.30
C LEU A 162 -4.74 11.03 -14.57
N ASN A 163 -5.23 12.03 -15.30
CA ASN A 163 -4.48 13.29 -15.45
C ASN A 163 -5.10 14.45 -14.64
N GLN A 164 -4.33 15.53 -14.52
CA GLN A 164 -4.73 16.67 -13.71
C GLN A 164 -6.09 17.25 -14.10
N ASP A 165 -6.42 17.16 -15.39
CA ASP A 165 -7.70 17.67 -15.90
C ASP A 165 -8.83 16.67 -15.74
N CYS A 166 -8.58 15.62 -14.94
CA CYS A 166 -9.57 14.56 -14.68
C CYS A 166 -9.84 13.62 -15.85
N SER A 167 -9.09 13.73 -16.95
CA SER A 167 -9.23 12.74 -18.01
C SER A 167 -8.78 11.37 -17.47
N VAL A 168 -9.42 10.31 -17.96
CA VAL A 168 -9.18 8.94 -17.50
C VAL A 168 -8.71 8.09 -18.66
N LYS A 169 -7.70 7.26 -18.39
CA LYS A 169 -7.17 6.34 -19.40
C LYS A 169 -7.05 4.96 -18.79
N VAL A 170 -7.76 4.02 -19.39
CA VAL A 170 -7.82 2.65 -18.92
C VAL A 170 -6.66 1.85 -19.52
N CYS A 171 -6.15 0.91 -18.73
CA CYS A 171 -5.14 -0.03 -19.23
C CYS A 171 -5.30 -1.37 -18.55
N ASP A 172 -4.29 -2.23 -18.75
CA ASP A 172 -4.17 -3.54 -18.15
C ASP A 172 -5.27 -4.54 -18.57
N PHE A 173 -5.26 -4.89 -19.85
CA PHE A 173 -6.28 -5.76 -20.43
C PHE A 173 -5.95 -7.26 -20.38
N GLY A 174 -5.03 -7.65 -19.50
CA GLY A 174 -4.57 -9.03 -19.42
C GLY A 174 -5.62 -10.07 -19.09
N LEU A 175 -6.70 -9.65 -18.43
CA LEU A 175 -7.77 -10.57 -18.06
C LEU A 175 -9.01 -10.39 -18.96
N ALA A 176 -8.89 -9.53 -19.96
CA ALA A 176 -10.02 -9.14 -20.80
C ALA A 176 -10.61 -10.28 -21.65
N ARG A 177 -11.93 -10.25 -21.82
CA ARG A 177 -12.66 -11.22 -22.62
C ARG A 177 -13.16 -10.59 -23.90
N THR A 178 -13.08 -11.33 -25.00
CA THR A 178 -13.78 -10.94 -26.22
C THR A 178 -15.28 -11.22 -26.05
N ILE A 179 -16.13 -10.23 -26.35
CA ILE A 179 -17.59 -10.36 -26.23
C ILE A 179 -18.13 -11.40 -27.21
N HIS A 211 0.15 -15.88 -6.85
CA HIS A 211 -0.12 -14.49 -6.51
C HIS A 211 -1.36 -14.38 -5.63
N VAL A 212 -1.39 -13.35 -4.79
CA VAL A 212 -2.63 -12.93 -4.15
C VAL A 212 -3.35 -11.99 -5.13
N VAL A 213 -4.57 -12.36 -5.52
CA VAL A 213 -5.32 -11.51 -6.44
C VAL A 213 -6.32 -10.63 -5.68
N THR A 214 -6.43 -9.38 -6.12
CA THR A 214 -7.42 -8.46 -5.57
C THR A 214 -8.77 -8.79 -6.17
N ARG A 215 -9.70 -9.21 -5.32
CA ARG A 215 -11.04 -9.60 -5.75
C ARG A 215 -12.09 -8.56 -5.36
N TRP A 216 -11.63 -7.42 -4.83
CA TRP A 216 -12.51 -6.42 -4.23
C TRP A 216 -13.43 -5.68 -5.20
N TYR A 217 -13.12 -5.78 -6.49
CA TYR A 217 -13.82 -5.07 -7.55
C TYR A 217 -14.58 -6.02 -8.49
N ARG A 218 -14.67 -7.29 -8.11
CA ARG A 218 -15.27 -8.34 -8.94
C ARG A 218 -16.75 -8.49 -8.68
N ALA A 219 -17.54 -8.55 -9.75
CA ALA A 219 -19.00 -8.77 -9.64
C ALA A 219 -19.29 -10.09 -8.95
N PRO A 220 -20.42 -10.19 -8.24
CA PRO A 220 -20.82 -11.45 -7.59
C PRO A 220 -20.85 -12.66 -8.54
N GLU A 221 -21.37 -12.48 -9.76
CA GLU A 221 -21.45 -13.58 -10.73
C GLU A 221 -20.06 -14.08 -11.16
N LEU A 222 -19.07 -13.20 -11.07
CA LEU A 222 -17.69 -13.54 -11.36
C LEU A 222 -17.08 -14.29 -10.17
N ILE A 223 -17.44 -13.88 -8.97
CA ILE A 223 -17.05 -14.56 -7.73
C ILE A 223 -17.70 -15.94 -7.61
N LEU A 224 -18.96 -16.05 -8.06
CA LEU A 224 -19.69 -17.31 -8.06
C LEU A 224 -19.31 -18.20 -9.23
N LEU A 225 -18.15 -17.92 -9.84
CA LEU A 225 -17.55 -18.75 -10.89
C LEU A 225 -18.50 -19.07 -12.05
N GLN A 226 -19.50 -18.21 -12.26
CA GLN A 226 -20.41 -18.35 -13.41
C GLN A 226 -19.60 -18.10 -14.67
N GLU A 227 -19.83 -18.91 -15.69
CA GLU A 227 -19.19 -18.67 -17.00
C GLU A 227 -20.12 -17.91 -17.94
N ASN A 228 -21.39 -17.83 -17.56
CA ASN A 228 -22.32 -16.90 -18.17
C ASN A 228 -22.25 -15.56 -17.42
N TYR A 229 -21.48 -14.63 -17.98
CA TYR A 229 -21.46 -13.25 -17.51
C TYR A 229 -21.26 -12.33 -18.70
N THR A 230 -21.58 -11.06 -18.52
CA THR A 230 -21.56 -10.09 -19.61
C THR A 230 -20.69 -8.88 -19.24
N LYS A 231 -20.66 -7.89 -20.12
CA LYS A 231 -19.98 -6.62 -19.88
C LYS A 231 -20.48 -5.90 -18.63
N SER A 232 -21.64 -6.30 -18.09
CA SER A 232 -22.16 -5.69 -16.87
C SER A 232 -21.26 -5.92 -15.65
N ILE A 233 -20.34 -6.88 -15.73
CA ILE A 233 -19.34 -7.06 -14.67
C ILE A 233 -18.48 -5.81 -14.54
N ASP A 234 -18.21 -5.15 -15.67
CA ASP A 234 -17.42 -3.91 -15.66
C ASP A 234 -18.18 -2.76 -14.96
N ILE A 235 -19.51 -2.78 -15.04
CA ILE A 235 -20.34 -1.78 -14.36
C ILE A 235 -20.27 -1.96 -12.84
N TRP A 236 -20.32 -3.21 -12.38
CA TRP A 236 -20.09 -3.51 -10.96
C TRP A 236 -18.77 -2.90 -10.48
N SER A 237 -17.70 -3.15 -11.22
CA SER A 237 -16.37 -2.63 -10.87
C SER A 237 -16.36 -1.11 -10.80
N THR A 238 -17.05 -0.50 -11.76
CA THR A 238 -17.26 0.95 -11.78
C THR A 238 -17.94 1.48 -10.52
N GLY A 239 -19.00 0.82 -10.06
CA GLY A 239 -19.65 1.16 -8.81
C GLY A 239 -18.70 1.14 -7.61
N CYS A 240 -17.88 0.09 -7.54
CA CYS A 240 -16.83 -0.03 -6.52
C CYS A 240 -15.83 1.13 -6.56
N ILE A 241 -15.41 1.51 -7.76
CA ILE A 241 -14.49 2.63 -7.95
C ILE A 241 -15.18 3.97 -7.59
N PHE A 242 -16.44 4.10 -8.01
CA PHE A 242 -17.29 5.26 -7.68
C PHE A 242 -17.35 5.44 -6.16
N ALA A 243 -17.64 4.37 -5.43
CA ALA A 243 -17.65 4.44 -3.95
C ALA A 243 -16.36 5.03 -3.36
N GLU A 244 -15.20 4.62 -3.89
CA GLU A 244 -13.92 5.15 -3.45
C GLU A 244 -13.68 6.61 -3.87
N LEU A 245 -14.17 6.99 -5.06
CA LEU A 245 -14.13 8.39 -5.48
C LEU A 245 -14.94 9.28 -4.52
N LEU A 246 -16.08 8.77 -4.05
CA LEU A 246 -16.91 9.47 -3.08
C LEU A 246 -16.22 9.71 -1.73
N ASN A 247 -15.28 8.83 -1.37
CA ASN A 247 -14.41 9.01 -0.20
C ASN A 247 -13.49 10.22 -0.33
N MET A 248 -13.35 10.74 -1.54
CA MET A 248 -12.47 11.89 -1.78
C MET A 248 -13.07 13.25 -1.35
N LEU A 249 -14.34 13.26 -0.97
CA LEU A 249 -14.96 14.47 -0.40
C LEU A 249 -14.55 14.66 1.05
N GLN A 250 -13.98 15.82 1.34
CA GLN A 250 -13.59 16.16 2.71
C GLN A 250 -14.78 16.11 3.69
N SER A 251 -15.97 16.47 3.23
CA SER A 251 -17.20 16.42 4.04
C SER A 251 -17.61 14.97 4.37
N HIS A 252 -17.09 14.02 3.62
CA HIS A 252 -17.30 12.60 3.92
C HIS A 252 -16.21 12.08 4.83
N ILE A 253 -14.96 12.28 4.42
CA ILE A 253 -13.79 11.78 5.15
C ILE A 253 -12.76 12.90 5.21
N ASN A 254 -12.48 13.38 6.42
N ASN A 254 -12.48 13.38 6.42
CA ASN A 254 -11.57 14.51 6.59
CA ASN A 254 -11.57 14.51 6.59
C ASN A 254 -10.12 14.06 6.68
C ASN A 254 -10.13 14.08 6.85
N ASP A 255 -9.91 12.77 6.96
CA ASP A 255 -8.58 12.19 7.16
C ASP A 255 -8.33 11.12 6.08
N PRO A 256 -7.44 11.43 5.11
CA PRO A 256 -7.11 10.52 4.01
C PRO A 256 -6.81 9.06 4.41
N THR A 257 -6.32 8.84 5.62
CA THR A 257 -5.99 7.49 6.08
C THR A 257 -7.22 6.66 6.48
N ASN A 258 -8.40 7.31 6.48
CA ASN A 258 -9.66 6.63 6.74
C ASN A 258 -10.44 6.25 5.47
N ARG A 259 -9.81 6.38 4.31
CA ARG A 259 -10.43 6.00 3.05
C ARG A 259 -10.17 4.53 2.74
N PHE A 260 -11.23 3.77 2.53
CA PHE A 260 -11.10 2.34 2.25
C PHE A 260 -11.98 1.93 1.07
N PRO A 261 -11.62 0.80 0.42
CA PRO A 261 -12.52 0.22 -0.58
C PRO A 261 -13.84 -0.20 0.07
N LEU A 262 -14.88 -0.34 -0.73
CA LEU A 262 -16.21 -0.66 -0.21
C LEU A 262 -16.36 -2.13 0.12
N PHE A 263 -15.73 -3.00 -0.67
CA PHE A 263 -15.85 -4.43 -0.49
C PHE A 263 -14.48 -5.10 -0.30
N PRO A 264 -13.74 -4.73 0.77
CA PRO A 264 -12.44 -5.39 0.95
C PRO A 264 -12.62 -6.72 1.71
N GLY A 265 -13.16 -7.72 1.03
CA GLY A 265 -13.49 -9.01 1.66
C GLY A 265 -12.38 -10.05 1.60
N SER A 266 -11.82 -10.27 0.41
CA SER A 266 -10.69 -11.20 0.25
C SER A 266 -9.43 -10.65 0.93
N SER A 267 -8.69 -11.54 1.58
CA SER A 267 -7.47 -11.16 2.31
C SER A 267 -6.35 -10.68 1.38
N CYS A 268 -5.60 -9.69 1.86
CA CYS A 268 -4.39 -9.21 1.18
C CYS A 268 -3.28 -10.28 1.20
N PHE A 269 -3.38 -11.22 2.14
CA PHE A 269 -2.28 -12.16 2.44
C PHE A 269 -2.63 -13.61 2.17
N PRO A 270 -1.60 -14.45 1.85
CA PRO A 270 -1.85 -15.87 1.63
C PRO A 270 -1.95 -16.63 2.95
N HIS A 281 -8.50 -20.65 -2.77
CA HIS A 281 -9.38 -19.91 -3.66
C HIS A 281 -10.81 -19.85 -3.14
N GLU A 282 -11.24 -20.93 -2.48
CA GLU A 282 -12.62 -21.06 -1.97
C GLU A 282 -12.91 -20.12 -0.81
N LYS A 283 -11.96 -20.01 0.12
CA LYS A 283 -12.10 -19.14 1.29
C LYS A 283 -12.12 -17.65 0.90
N SER A 284 -11.33 -17.28 -0.12
CA SER A 284 -11.28 -15.92 -0.62
C SER A 284 -12.62 -15.51 -1.23
N ASN A 285 -13.11 -16.32 -2.17
CA ASN A 285 -14.41 -16.11 -2.80
C ASN A 285 -15.55 -16.02 -1.79
N ARG A 286 -15.53 -16.92 -0.80
CA ARG A 286 -16.49 -16.89 0.31
C ARG A 286 -16.46 -15.56 1.08
N ASP A 287 -15.27 -15.14 1.52
CA ASP A 287 -15.08 -13.90 2.28
C ASP A 287 -15.55 -12.66 1.49
N GLN A 288 -15.29 -12.67 0.18
CA GLN A 288 -15.66 -11.57 -0.69
C GLN A 288 -17.18 -11.46 -0.85
N LEU A 289 -17.83 -12.58 -1.20
CA LEU A 289 -19.29 -12.66 -1.25
C LEU A 289 -19.89 -12.17 0.06
N ASN A 290 -19.27 -12.57 1.16
CA ASN A 290 -19.74 -12.21 2.49
C ASN A 290 -19.80 -10.70 2.73
N ILE A 291 -18.73 -9.98 2.37
CA ILE A 291 -18.72 -8.53 2.56
C ILE A 291 -19.67 -7.81 1.58
N ILE A 292 -19.86 -8.39 0.39
CA ILE A 292 -20.83 -7.87 -0.57
C ILE A 292 -22.22 -7.90 0.06
N PHE A 293 -22.61 -9.06 0.59
CA PHE A 293 -23.93 -9.21 1.23
C PHE A 293 -24.09 -8.30 2.44
N ASN A 294 -22.99 -8.04 3.15
CA ASN A 294 -23.00 -7.10 4.27
C ASN A 294 -23.35 -5.68 3.83
N ILE A 295 -23.02 -5.35 2.58
CA ILE A 295 -23.24 -4.00 2.06
C ILE A 295 -24.58 -3.89 1.33
N ILE A 296 -24.84 -4.79 0.40
CA ILE A 296 -26.05 -4.73 -0.43
C ILE A 296 -27.17 -5.69 0.02
N GLY A 297 -26.96 -6.35 1.15
CA GLY A 297 -27.90 -7.34 1.65
C GLY A 297 -27.76 -8.67 0.92
N THR A 298 -28.27 -9.73 1.53
CA THR A 298 -28.36 -11.03 0.88
C THR A 298 -29.30 -10.91 -0.32
N PRO A 299 -29.14 -11.79 -1.32
CA PRO A 299 -29.99 -11.69 -2.51
C PRO A 299 -31.47 -11.98 -2.20
N THR A 300 -32.36 -11.20 -2.83
CA THR A 300 -33.80 -11.42 -2.74
C THR A 300 -34.20 -12.63 -3.58
N GLU A 301 -35.42 -13.12 -3.38
N GLU A 301 -35.42 -13.11 -3.37
CA GLU A 301 -35.94 -14.24 -4.16
CA GLU A 301 -35.98 -14.21 -4.15
C GLU A 301 -35.90 -13.96 -5.67
C GLU A 301 -35.92 -13.97 -5.66
N ASP A 302 -36.18 -12.71 -6.05
CA ASP A 302 -36.13 -12.29 -7.45
C ASP A 302 -34.69 -12.30 -8.01
N ASP A 303 -33.71 -12.03 -7.14
CA ASP A 303 -32.30 -12.10 -7.52
C ASP A 303 -31.89 -13.55 -7.85
N LEU A 304 -32.30 -14.48 -7.00
CA LEU A 304 -32.00 -15.91 -7.17
C LEU A 304 -32.74 -16.53 -8.36
N LYS A 305 -33.90 -15.96 -8.70
CA LYS A 305 -34.68 -16.42 -9.86
C LYS A 305 -33.88 -16.34 -11.16
N ASN A 306 -33.09 -15.27 -11.31
CA ASN A 306 -32.27 -15.08 -12.52
C ASN A 306 -31.12 -16.10 -12.67
N ILE A 307 -30.79 -16.81 -11.58
CA ILE A 307 -29.77 -17.86 -11.60
C ILE A 307 -30.41 -19.23 -11.88
N ASN A 308 -29.72 -20.03 -12.70
CA ASN A 308 -30.19 -21.35 -13.09
C ASN A 308 -29.74 -22.48 -12.15
N LYS A 309 -28.43 -22.60 -11.93
CA LYS A 309 -27.85 -23.73 -11.18
C LYS A 309 -28.29 -23.80 -9.71
N PRO A 310 -28.94 -24.92 -9.31
CA PRO A 310 -29.46 -25.09 -7.95
C PRO A 310 -28.36 -25.32 -6.90
N GLU A 311 -27.18 -25.75 -7.35
CA GLU A 311 -26.02 -25.87 -6.48
C GLU A 311 -25.56 -24.47 -6.02
N VAL A 312 -25.66 -23.51 -6.93
CA VAL A 312 -25.33 -22.10 -6.66
C VAL A 312 -26.31 -21.50 -5.64
N ILE A 313 -27.62 -21.67 -5.89
CA ILE A 313 -28.67 -21.20 -4.98
C ILE A 313 -28.47 -21.75 -3.56
N LYS A 314 -28.27 -23.07 -3.46
CA LYS A 314 -28.07 -23.73 -2.17
C LYS A 314 -26.89 -23.11 -1.42
N TYR A 315 -25.77 -22.94 -2.12
CA TYR A 315 -24.58 -22.29 -1.56
C TYR A 315 -24.88 -20.89 -1.05
N ILE A 316 -25.64 -20.12 -1.83
CA ILE A 316 -26.02 -18.75 -1.45
C ILE A 316 -26.91 -18.73 -0.20
N LYS A 317 -27.86 -19.66 -0.12
CA LYS A 317 -28.79 -19.76 1.02
C LYS A 317 -28.09 -19.99 2.37
N LEU A 318 -26.91 -20.61 2.32
CA LEU A 318 -26.07 -20.81 3.50
C LEU A 318 -25.68 -19.49 4.20
N PHE A 319 -25.62 -18.41 3.42
CA PHE A 319 -25.36 -17.08 3.97
C PHE A 319 -26.61 -16.54 4.67
N PRO A 320 -26.53 -16.34 6.00
CA PRO A 320 -27.65 -15.82 6.79
C PRO A 320 -28.18 -14.49 6.23
N HIS A 321 -29.47 -14.27 6.35
CA HIS A 321 -30.13 -13.07 5.80
C HIS A 321 -29.65 -11.78 6.48
N ARG A 322 -29.46 -10.73 5.69
CA ARG A 322 -29.24 -9.38 6.23
C ARG A 322 -29.73 -8.29 5.28
N LYS A 323 -30.01 -7.12 5.85
CA LYS A 323 -30.51 -5.97 5.10
C LYS A 323 -29.32 -5.21 4.47
N PRO A 324 -29.57 -4.49 3.36
CA PRO A 324 -28.52 -3.63 2.83
C PRO A 324 -28.23 -2.51 3.83
N ILE A 325 -27.00 -2.00 3.84
CA ILE A 325 -26.71 -0.80 4.63
C ILE A 325 -27.36 0.41 3.94
N ASN A 326 -27.48 1.51 4.69
CA ASN A 326 -28.05 2.75 4.17
C ASN A 326 -26.97 3.61 3.50
N LEU A 327 -27.00 3.66 2.18
CA LEU A 327 -25.97 4.37 1.40
C LEU A 327 -26.01 5.88 1.57
N LYS A 328 -27.22 6.43 1.71
CA LYS A 328 -27.42 7.86 1.95
C LYS A 328 -26.77 8.29 3.27
N GLN A 329 -26.83 7.41 4.27
CA GLN A 329 -26.16 7.65 5.54
C GLN A 329 -24.64 7.60 5.39
N LYS A 330 -24.15 6.66 4.58
CA LYS A 330 -22.72 6.49 4.35
C LYS A 330 -22.12 7.67 3.59
N TYR A 331 -22.86 8.18 2.61
CA TYR A 331 -22.41 9.31 1.80
C TYR A 331 -23.40 10.49 1.87
N PRO A 332 -23.45 11.19 3.03
CA PRO A 332 -24.50 12.17 3.26
C PRO A 332 -24.40 13.46 2.44
N SER A 333 -23.27 13.74 1.82
CA SER A 333 -23.14 14.96 1.01
C SER A 333 -23.63 14.82 -0.43
N ILE A 334 -24.12 13.63 -0.77
CA ILE A 334 -24.48 13.31 -2.14
C ILE A 334 -26.00 13.38 -2.29
N SER A 335 -26.46 13.92 -3.41
CA SER A 335 -27.88 14.03 -3.72
C SER A 335 -28.51 12.64 -3.88
N ASP A 336 -29.83 12.60 -3.86
CA ASP A 336 -30.57 11.34 -4.03
C ASP A 336 -30.27 10.68 -5.38
N ASP A 337 -30.02 11.50 -6.40
CA ASP A 337 -29.67 11.02 -7.73
C ASP A 337 -28.30 10.31 -7.72
N GLY A 338 -27.32 10.92 -7.06
CA GLY A 338 -25.98 10.32 -6.92
C GLY A 338 -25.99 8.96 -6.22
N ILE A 339 -26.77 8.88 -5.13
CA ILE A 339 -26.95 7.61 -4.41
C ILE A 339 -27.59 6.58 -5.35
N ASN A 340 -28.62 7.01 -6.07
CA ASN A 340 -29.29 6.16 -7.02
C ASN A 340 -28.33 5.58 -8.05
N LEU A 341 -27.49 6.43 -8.64
CA LEU A 341 -26.50 6.00 -9.61
C LEU A 341 -25.57 4.92 -9.02
N LEU A 342 -25.04 5.17 -7.82
CA LEU A 342 -24.17 4.21 -7.14
C LEU A 342 -24.91 2.89 -6.87
N GLU A 343 -26.11 2.99 -6.31
CA GLU A 343 -26.99 1.84 -6.08
C GLU A 343 -27.22 1.00 -7.33
N SER A 344 -27.51 1.66 -8.45
N SER A 344 -27.52 1.67 -8.45
CA SER A 344 -27.83 0.98 -9.70
CA SER A 344 -27.85 0.98 -9.69
C SER A 344 -26.63 0.28 -10.30
C SER A 344 -26.63 0.30 -10.32
N MET A 345 -25.43 0.75 -9.96
CA MET A 345 -24.20 0.10 -10.43
C MET A 345 -23.94 -1.15 -9.61
N LEU A 346 -24.34 -1.13 -8.34
CA LEU A 346 -24.04 -2.22 -7.42
C LEU A 346 -25.22 -3.17 -7.16
N LYS A 347 -25.87 -3.59 -8.24
CA LYS A 347 -26.97 -4.56 -8.16
C LYS A 347 -26.42 -5.98 -8.27
N PHE A 348 -26.88 -6.86 -7.39
CA PHE A 348 -26.50 -8.28 -7.45
C PHE A 348 -26.87 -8.91 -8.80
N ASN A 349 -28.12 -8.70 -9.23
CA ASN A 349 -28.62 -9.20 -10.50
C ASN A 349 -28.06 -8.32 -11.62
N PRO A 350 -27.26 -8.90 -12.53
CA PRO A 350 -26.62 -8.10 -13.57
C PRO A 350 -27.59 -7.47 -14.58
N ASN A 351 -28.76 -8.07 -14.74
CA ASN A 351 -29.80 -7.53 -15.62
C ASN A 351 -30.50 -6.33 -15.01
N LYS A 352 -30.37 -6.19 -13.69
CA LYS A 352 -30.94 -5.06 -12.97
C LYS A 352 -29.94 -3.92 -12.91
N ARG A 353 -28.68 -4.24 -13.20
CA ARG A 353 -27.60 -3.26 -13.20
C ARG A 353 -27.75 -2.26 -14.32
N ILE A 354 -27.49 -0.99 -13.99
CA ILE A 354 -27.52 0.09 -14.96
C ILE A 354 -26.51 -0.19 -16.10
N THR A 355 -26.83 0.24 -17.31
CA THR A 355 -25.90 0.12 -18.43
C THR A 355 -25.05 1.40 -18.53
N ILE A 356 -23.99 1.34 -19.34
CA ILE A 356 -23.17 2.53 -19.59
C ILE A 356 -24.00 3.65 -20.24
N ASP A 357 -24.77 3.32 -21.27
CA ASP A 357 -25.66 4.30 -21.94
C ASP A 357 -26.59 5.00 -20.96
N GLN A 358 -27.27 4.22 -20.12
CA GLN A 358 -28.15 4.74 -19.09
C GLN A 358 -27.38 5.60 -18.08
N ALA A 359 -26.23 5.12 -17.63
CA ALA A 359 -25.39 5.87 -16.69
C ALA A 359 -24.95 7.22 -17.25
N LEU A 360 -24.58 7.26 -18.53
CA LEU A 360 -24.20 8.49 -19.19
C LEU A 360 -25.37 9.45 -19.34
N ASP A 361 -26.59 8.88 -19.32
CA ASP A 361 -27.83 9.64 -19.42
C ASP A 361 -28.35 10.03 -18.05
N HIS A 362 -27.68 9.57 -16.99
CA HIS A 362 -28.19 9.71 -15.63
C HIS A 362 -28.21 11.18 -15.20
N PRO A 363 -29.25 11.60 -14.46
CA PRO A 363 -29.34 12.99 -13.97
C PRO A 363 -28.09 13.45 -13.20
N TYR A 364 -27.49 12.55 -12.43
CA TYR A 364 -26.30 12.87 -11.65
C TYR A 364 -25.18 13.44 -12.51
N LEU A 365 -25.07 12.98 -13.75
CA LEU A 365 -23.97 13.39 -14.63
C LEU A 365 -24.34 14.46 -15.64
N LYS A 366 -25.58 14.94 -15.58
CA LYS A 366 -26.09 15.99 -16.48
C LYS A 366 -25.15 17.19 -16.64
N ASP A 367 -24.61 17.68 -15.52
N ASP A 367 -24.59 17.65 -15.51
CA ASP A 367 -23.77 18.89 -15.53
CA ASP A 367 -23.76 18.86 -15.44
C ASP A 367 -22.42 18.72 -16.26
C ASP A 367 -22.33 18.73 -15.99
N VAL A 368 -21.86 17.51 -16.24
CA VAL A 368 -20.53 17.29 -16.81
C VAL A 368 -20.53 16.71 -18.23
N ARG A 369 -21.67 16.15 -18.61
CA ARG A 369 -21.85 15.50 -19.91
C ARG A 369 -21.52 16.45 -21.08
N LYS A 370 -20.72 15.95 -22.03
CA LYS A 370 -20.35 16.67 -23.26
C LYS A 370 -20.67 15.81 -24.47
N LYS A 371 -21.96 15.72 -24.79
CA LYS A 371 -22.46 14.88 -25.89
C LYS A 371 -21.73 15.08 -27.22
N LYS A 372 -21.14 16.26 -27.42
CA LYS A 372 -20.51 16.65 -28.67
C LYS A 372 -19.09 16.09 -28.84
N LEU A 373 -18.23 16.36 -27.86
CA LEU A 373 -16.83 15.89 -27.90
C LEU A 373 -16.74 14.37 -27.77
N GLU A 374 -17.91 13.74 -27.65
CA GLU A 374 -18.06 12.30 -27.53
C GLU A 374 -18.90 11.79 -28.69
N THR A 378 -16.90 2.88 -33.98
CA THR A 378 -15.90 2.07 -33.29
C THR A 378 -15.78 0.68 -33.96
N LYS A 379 -14.55 0.27 -34.22
CA LYS A 379 -14.26 -1.04 -34.82
C LYS A 379 -14.03 -2.13 -33.76
N LYS A 380 -14.60 -3.30 -33.99
CA LYS A 380 -14.39 -4.43 -33.11
C LYS A 380 -12.99 -4.99 -33.37
N ILE A 381 -12.22 -5.20 -32.31
CA ILE A 381 -10.83 -5.62 -32.50
C ILE A 381 -10.70 -7.12 -32.71
N ILE A 382 -9.69 -7.50 -33.48
CA ILE A 382 -9.41 -8.90 -33.75
C ILE A 382 -8.01 -9.26 -33.25
N LEU A 383 -7.96 -10.17 -32.30
CA LEU A 383 -6.69 -10.59 -31.70
C LEU A 383 -6.01 -11.64 -32.59
N PRO A 384 -4.65 -11.66 -32.61
CA PRO A 384 -3.97 -12.52 -33.58
C PRO A 384 -3.98 -14.01 -33.22
N PHE A 385 -4.64 -14.34 -32.12
CA PHE A 385 -4.81 -15.72 -31.68
C PHE A 385 -6.26 -15.88 -31.17
N ASP A 386 -6.80 -17.08 -31.29
CA ASP A 386 -8.13 -17.35 -30.73
C ASP A 386 -7.98 -17.56 -29.24
N ASP A 387 -8.94 -17.05 -28.48
CA ASP A 387 -8.78 -16.93 -27.04
C ASP A 387 -8.92 -18.26 -26.29
N TRP A 388 -9.43 -19.28 -26.98
CA TRP A 388 -9.60 -20.63 -26.41
C TRP A 388 -8.32 -21.48 -26.45
N MET A 389 -7.50 -21.28 -27.49
N MET A 389 -7.50 -21.31 -27.48
CA MET A 389 -6.26 -22.03 -27.69
CA MET A 389 -6.33 -22.16 -27.71
C MET A 389 -5.32 -21.93 -26.50
C MET A 389 -5.25 -21.98 -26.66
N VAL A 390 -4.88 -23.08 -26.01
CA VAL A 390 -3.75 -23.10 -25.09
C VAL A 390 -2.50 -23.04 -25.97
N LEU A 391 -1.61 -22.10 -25.69
CA LEU A 391 -0.47 -21.86 -26.55
C LEU A 391 0.81 -22.34 -25.89
N SER A 392 1.67 -22.96 -26.69
CA SER A 392 2.97 -23.42 -26.22
C SER A 392 3.89 -22.21 -26.08
N GLU A 393 4.99 -22.40 -25.35
CA GLU A 393 5.99 -21.36 -25.21
C GLU A 393 6.52 -20.91 -26.58
N THR A 394 6.69 -21.85 -27.50
CA THR A 394 7.24 -21.51 -28.82
C THR A 394 6.27 -20.61 -29.62
N GLN A 395 4.97 -20.91 -29.51
CA GLN A 395 3.92 -20.09 -30.11
C GLN A 395 3.86 -18.71 -29.48
N LEU A 396 3.83 -18.68 -28.14
CA LEU A 396 3.90 -17.43 -27.40
C LEU A 396 5.07 -16.57 -27.86
N ARG A 397 6.26 -17.16 -27.95
CA ARG A 397 7.46 -16.43 -28.36
C ARG A 397 7.31 -15.81 -29.75
N TYR A 398 6.74 -16.59 -30.67
CA TYR A 398 6.42 -16.06 -32.00
C TYR A 398 5.51 -14.82 -31.97
N ILE A 399 4.38 -14.92 -31.28
CA ILE A 399 3.42 -13.81 -31.23
C ILE A 399 4.04 -12.57 -30.57
N PHE A 400 4.74 -12.76 -29.44
CA PHE A 400 5.48 -11.64 -28.82
C PHE A 400 6.36 -10.91 -29.82
N LEU A 401 7.13 -11.65 -30.60
CA LEU A 401 8.08 -11.05 -31.54
C LEU A 401 7.42 -10.41 -32.75
N LYS A 402 6.29 -10.98 -33.19
CA LYS A 402 5.45 -10.35 -34.21
C LYS A 402 4.93 -8.99 -33.73
N GLU A 403 4.49 -8.94 -32.47
CA GLU A 403 4.03 -7.68 -31.87
C GLU A 403 5.18 -6.69 -31.78
N VAL A 404 6.37 -7.17 -31.42
CA VAL A 404 7.56 -6.32 -31.40
C VAL A 404 7.85 -5.80 -32.80
N GLN A 405 7.71 -6.69 -33.79
CA GLN A 405 7.95 -6.36 -35.19
C GLN A 405 7.00 -5.27 -35.70
N SER A 406 5.77 -5.22 -35.18
CA SER A 406 4.84 -4.12 -35.54
C SER A 406 5.43 -2.75 -35.21
N PHE A 407 6.28 -2.69 -34.18
CA PHE A 407 6.98 -1.46 -33.81
C PHE A 407 8.35 -1.32 -34.46
N HIS A 408 8.90 -2.45 -34.91
CA HIS A 408 10.23 -2.50 -35.49
C HIS A 408 10.23 -3.42 -36.70
N PRO A 409 9.81 -2.89 -37.87
CA PRO A 409 9.64 -3.71 -39.07
C PRO A 409 10.92 -4.41 -39.56
N GLU A 410 12.09 -3.91 -39.19
CA GLU A 410 13.35 -4.48 -39.65
C GLU A 410 13.77 -5.72 -38.87
N LEU A 411 12.99 -6.05 -37.82
N LEU A 411 13.00 -6.06 -37.82
CA LEU A 411 13.23 -7.24 -37.00
CA LEU A 411 13.29 -7.22 -36.99
C LEU A 411 13.09 -8.52 -37.82
C LEU A 411 13.08 -8.54 -37.73
N VAL A 412 14.11 -9.38 -37.74
CA VAL A 412 14.07 -10.69 -38.38
C VAL A 412 13.71 -11.69 -37.28
N ILE A 413 12.51 -12.26 -37.38
CA ILE A 413 12.06 -13.25 -36.42
C ILE A 413 12.72 -14.60 -36.75
N PRO A 414 13.36 -15.25 -35.75
CA PRO A 414 14.00 -16.56 -36.03
C PRO A 414 13.05 -17.58 -36.64
N SER A 415 13.56 -18.40 -37.56
N SER A 415 13.56 -18.40 -37.55
CA SER A 415 12.72 -19.37 -38.29
CA SER A 415 12.74 -19.37 -38.28
C SER A 415 12.07 -20.44 -37.38
C SER A 415 12.09 -20.44 -37.40
N VAL A 416 12.70 -20.74 -36.25
CA VAL A 416 12.09 -21.68 -35.28
C VAL A 416 10.75 -21.17 -34.74
N PHE A 417 10.58 -19.84 -34.77
CA PHE A 417 9.30 -19.20 -34.42
C PHE A 417 8.39 -18.97 -35.63
N THR A 418 8.94 -18.46 -36.74
CA THR A 418 8.12 -18.10 -37.92
C THR A 418 7.43 -19.29 -38.57
N ILE A 419 7.92 -20.52 -38.31
CA ILE A 419 7.23 -21.72 -38.80
C ILE A 419 5.79 -21.80 -38.26
N HIS A 420 5.55 -21.08 -37.16
CA HIS A 420 4.21 -21.05 -36.57
C HIS A 420 3.29 -20.01 -37.20
N GLU A 421 3.83 -19.23 -38.14
CA GLU A 421 3.15 -18.03 -38.66
C GLU A 421 1.79 -18.26 -39.29
N ASN A 422 1.58 -19.44 -39.87
CA ASN A 422 0.35 -19.74 -40.59
C ASN A 422 -0.82 -20.04 -39.65
N ASN A 423 -0.53 -20.22 -38.37
CA ASN A 423 -1.58 -20.48 -37.39
C ASN A 423 -2.09 -19.21 -36.67
N PHE A 424 -1.49 -18.07 -36.97
CA PHE A 424 -1.84 -16.81 -36.28
C PHE A 424 -2.01 -15.63 -37.25
N TYR A 425 -2.56 -14.53 -36.75
CA TYR A 425 -2.75 -13.28 -37.52
C TYR A 425 -3.57 -13.52 -38.79
N ASN A 426 -4.58 -14.40 -38.69
CA ASN A 426 -5.37 -14.81 -39.85
C ASN A 426 -6.31 -13.75 -40.42
N ASN A 427 -6.60 -12.72 -39.63
CA ASN A 427 -7.43 -11.60 -40.10
C ASN A 427 -6.65 -10.28 -40.10
N GLU A 428 -5.33 -10.39 -40.17
CA GLU A 428 -4.41 -9.25 -40.19
C GLU A 428 -3.36 -9.41 -41.28
N GLY B 10 -15.31 26.79 -13.43
CA GLY B 10 -13.85 26.61 -13.67
C GLY B 10 -13.27 25.46 -12.87
N ARG B 11 -13.34 24.25 -13.44
CA ARG B 11 -12.77 23.06 -12.78
C ARG B 11 -11.26 23.23 -12.68
N GLU B 12 -10.77 23.25 -11.44
CA GLU B 12 -9.35 23.37 -11.18
C GLU B 12 -8.63 22.05 -11.48
N ASN B 13 -7.42 22.15 -12.02
CA ASN B 13 -6.51 21.04 -12.13
C ASN B 13 -6.25 20.42 -10.76
N LEU B 14 -6.05 19.10 -10.74
CA LEU B 14 -5.62 18.38 -9.55
C LEU B 14 -4.12 18.59 -9.35
N TYR B 15 -3.69 18.69 -8.09
CA TYR B 15 -2.26 18.75 -7.75
C TYR B 15 -1.96 17.69 -6.71
N PHE B 16 -1.47 16.56 -7.20
CA PHE B 16 -1.47 15.29 -6.46
C PHE B 16 -0.63 15.22 -5.16
N GLN B 17 0.44 16.01 -5.09
CA GLN B 17 1.35 16.01 -3.93
C GLN B 17 0.80 16.74 -2.72
N GLY B 18 -0.09 17.70 -2.95
CA GLY B 18 -0.62 18.53 -1.88
C GLY B 18 0.39 19.51 -1.31
N ILE B 19 1.40 19.88 -2.12
CA ILE B 19 2.43 20.83 -1.70
C ILE B 19 1.85 22.21 -1.36
N LYS B 20 0.62 22.46 -1.83
CA LYS B 20 -0.04 23.76 -1.68
C LYS B 20 -0.40 24.14 -0.24
N ASN B 21 -0.87 23.16 0.53
N ASN B 21 -0.85 23.15 0.53
CA ASN B 21 -1.26 23.41 1.94
CA ASN B 21 -1.27 23.39 1.91
C ASN B 21 -0.12 23.30 2.95
C ASN B 21 -0.12 23.29 2.94
N VAL B 22 1.10 23.15 2.45
CA VAL B 22 2.27 23.08 3.32
C VAL B 22 2.81 24.49 3.46
N HIS B 23 2.59 25.12 4.61
CA HIS B 23 3.00 26.51 4.80
C HIS B 23 4.10 26.61 5.82
N VAL B 24 5.30 26.97 5.36
CA VAL B 24 6.49 26.99 6.21
C VAL B 24 7.28 28.26 5.93
N PRO B 25 8.19 28.67 6.85
CA PRO B 25 9.01 29.86 6.60
C PRO B 25 9.84 29.76 5.31
N ASP B 26 10.26 30.92 4.80
CA ASP B 26 10.91 31.09 3.48
C ASP B 26 12.23 30.34 3.28
N ASN B 27 12.91 29.98 4.37
CA ASN B 27 14.17 29.26 4.26
C ASN B 27 13.96 27.81 3.86
N TYR B 28 12.76 27.28 4.12
CA TYR B 28 12.42 25.90 3.73
C TYR B 28 11.75 25.84 2.36
N ILE B 29 12.35 25.11 1.43
CA ILE B 29 11.78 24.91 0.11
C ILE B 29 11.22 23.50 0.03
N ILE B 30 9.90 23.40 -0.06
CA ILE B 30 9.23 22.11 -0.13
C ILE B 30 9.47 21.52 -1.53
N LYS B 31 9.99 20.30 -1.59
CA LYS B 31 10.31 19.68 -2.88
C LYS B 31 9.18 18.76 -3.35
N HIS B 32 8.85 17.76 -2.54
CA HIS B 32 7.79 16.79 -2.86
C HIS B 32 7.36 16.01 -1.63
N LEU B 33 6.23 15.33 -1.76
CA LEU B 33 5.68 14.45 -0.74
C LEU B 33 6.49 13.15 -0.68
N ILE B 34 6.87 12.75 0.52
CA ILE B 34 7.60 11.49 0.70
C ILE B 34 6.60 10.39 0.97
N GLY B 35 5.65 10.67 1.87
CA GLY B 35 4.62 9.72 2.20
C GLY B 35 4.02 10.01 3.55
N ARG B 36 3.38 9.00 4.12
CA ARG B 36 2.73 9.11 5.40
C ARG B 36 3.73 8.88 6.52
N GLY B 37 3.68 9.74 7.54
CA GLY B 37 4.39 9.50 8.81
C GLY B 37 3.36 9.34 9.91
N SER B 38 3.80 9.24 11.15
CA SER B 38 2.85 9.18 12.27
C SER B 38 2.11 10.53 12.39
N TYR B 39 0.78 10.46 12.31
CA TYR B 39 -0.12 11.64 12.50
C TYR B 39 -0.09 12.72 11.41
N GLY B 40 0.60 12.45 10.31
CA GLY B 40 0.74 13.46 9.28
C GLY B 40 1.55 13.02 8.09
N TYR B 41 1.51 13.83 7.04
CA TYR B 41 2.31 13.57 5.85
C TYR B 41 3.66 14.26 5.91
N VAL B 42 4.66 13.63 5.30
CA VAL B 42 6.05 14.02 5.38
C VAL B 42 6.55 14.46 4.01
N TYR B 43 7.20 15.61 3.97
CA TYR B 43 7.69 16.21 2.72
C TYR B 43 9.19 16.36 2.74
N LEU B 44 9.82 16.13 1.61
CA LEU B 44 11.23 16.49 1.43
C LEU B 44 11.31 17.99 1.25
N ALA B 45 12.22 18.61 1.97
CA ALA B 45 12.45 20.04 1.85
C ALA B 45 13.95 20.32 1.88
N TYR B 46 14.34 21.45 1.34
CA TYR B 46 15.71 21.92 1.40
C TYR B 46 15.74 23.15 2.31
N ASP B 47 16.63 23.15 3.29
CA ASP B 47 16.81 24.30 4.16
C ASP B 47 17.92 25.18 3.60
N LYS B 48 17.55 26.35 3.07
CA LYS B 48 18.53 27.32 2.54
C LYS B 48 19.52 27.82 3.60
N ASN B 49 19.10 27.84 4.86
CA ASN B 49 19.97 28.32 5.94
C ASN B 49 21.15 27.40 6.23
N THR B 50 20.89 26.09 6.32
CA THR B 50 21.94 25.13 6.66
C THR B 50 22.41 24.34 5.44
N GLU B 51 21.79 24.61 4.29
CA GLU B 51 22.13 23.98 3.01
C GLU B 51 22.08 22.45 3.04
N LYS B 52 21.02 21.92 3.63
CA LYS B 52 20.79 20.48 3.66
C LYS B 52 19.32 20.13 3.45
N ASN B 53 19.08 18.91 2.97
CA ASN B 53 17.74 18.37 2.90
C ASN B 53 17.25 17.97 4.28
N VAL B 54 15.94 18.16 4.50
CA VAL B 54 15.26 17.77 5.73
C VAL B 54 13.91 17.15 5.38
N ALA B 55 13.32 16.43 6.33
CA ALA B 55 11.95 15.96 6.22
C ALA B 55 11.07 16.86 7.06
N ILE B 56 9.95 17.30 6.49
CA ILE B 56 9.03 18.14 7.25
C ILE B 56 7.70 17.41 7.34
N LYS B 57 7.29 17.10 8.57
CA LYS B 57 5.99 16.49 8.78
C LYS B 57 4.98 17.54 9.23
N LYS B 58 3.84 17.58 8.54
CA LYS B 58 2.70 18.39 8.95
C LYS B 58 1.70 17.51 9.69
N VAL B 59 1.46 17.82 10.95
CA VAL B 59 0.41 17.14 11.71
C VAL B 59 -0.73 18.14 11.86
N ASN B 60 -1.91 17.79 11.38
CA ASN B 60 -3.05 18.69 11.54
C ASN B 60 -4.17 18.07 12.38
N ARG B 61 -5.25 18.82 12.58
CA ARG B 61 -6.34 18.40 13.46
C ARG B 61 -5.80 17.90 14.81
N MET B 62 -4.80 18.63 15.34
CA MET B 62 -4.02 18.18 16.50
C MET B 62 -4.85 17.93 17.73
N PHE B 63 -5.81 18.81 18.00
CA PHE B 63 -6.49 18.81 19.28
C PHE B 63 -7.88 18.20 19.22
N GLU B 64 -8.25 17.67 18.06
CA GLU B 64 -9.55 16.99 17.86
C GLU B 64 -9.66 15.76 18.74
N ASP B 65 -8.57 15.00 18.82
CA ASP B 65 -8.47 13.82 19.65
C ASP B 65 -7.28 14.00 20.59
N LEU B 66 -7.56 14.17 21.88
CA LEU B 66 -6.51 14.50 22.84
C LEU B 66 -5.60 13.32 23.17
N ILE B 67 -6.07 12.10 22.92
CA ILE B 67 -5.23 10.90 23.05
C ILE B 67 -4.12 10.94 21.99
N ASP B 68 -4.50 11.23 20.75
CA ASP B 68 -3.53 11.41 19.67
C ASP B 68 -2.66 12.63 19.94
N CYS B 69 -3.27 13.69 20.46
CA CYS B 69 -2.54 14.91 20.77
C CYS B 69 -1.37 14.64 21.74
N LYS B 70 -1.65 13.91 22.83
CA LYS B 70 -0.63 13.60 23.82
C LYS B 70 0.46 12.68 23.26
N ARG B 71 0.07 11.79 22.35
CA ARG B 71 1.02 10.92 21.64
C ARG B 71 1.92 11.70 20.70
N ILE B 72 1.37 12.69 20.02
CA ILE B 72 2.20 13.59 19.22
C ILE B 72 3.22 14.32 20.12
N LEU B 73 2.75 14.80 21.27
CA LEU B 73 3.63 15.48 22.22
C LEU B 73 4.72 14.53 22.73
N ARG B 74 4.35 13.30 23.06
CA ARG B 74 5.33 12.32 23.53
C ARG B 74 6.38 12.06 22.43
N GLU B 75 5.91 11.94 21.19
CA GLU B 75 6.79 11.70 20.06
C GLU B 75 7.85 12.81 19.94
N ILE B 76 7.46 14.07 20.04
CA ILE B 76 8.42 15.16 19.88
C ILE B 76 9.30 15.40 21.12
N THR B 77 8.75 15.20 22.32
CA THR B 77 9.51 15.44 23.55
C THR B 77 10.59 14.39 23.72
N ILE B 78 10.28 13.15 23.35
CA ILE B 78 11.28 12.08 23.36
C ILE B 78 12.38 12.33 22.32
N LEU B 79 12.01 12.60 21.08
CA LEU B 79 13.03 12.90 20.05
C LEU B 79 13.91 14.08 20.39
N ASN B 80 13.32 15.12 20.97
CA ASN B 80 14.04 16.31 21.38
C ASN B 80 15.08 16.02 22.47
N ARG B 81 14.92 14.90 23.18
CA ARG B 81 15.80 14.56 24.30
C ARG B 81 16.73 13.37 24.01
N LEU B 82 16.53 12.71 22.88
CA LEU B 82 17.44 11.65 22.45
C LEU B 82 18.49 12.24 21.51
N LYS B 83 19.75 11.88 21.73
CA LYS B 83 20.86 12.35 20.91
C LYS B 83 21.74 11.16 20.56
N SER B 84 21.63 10.73 19.30
CA SER B 84 22.31 9.52 18.84
C SER B 84 22.22 9.41 17.33
N ASP B 85 23.30 8.95 16.71
CA ASP B 85 23.31 8.62 15.28
C ASP B 85 22.31 7.51 14.94
N TYR B 86 21.84 6.78 15.95
CA TYR B 86 20.86 5.72 15.73
C TYR B 86 19.42 6.22 15.77
N ILE B 87 19.24 7.51 16.09
CA ILE B 87 17.92 8.07 16.31
C ILE B 87 17.74 9.29 15.43
N ILE B 88 16.63 9.34 14.69
CA ILE B 88 16.28 10.50 13.83
C ILE B 88 16.37 11.79 14.67
N ARG B 89 17.15 12.75 14.18
CA ARG B 89 17.26 14.05 14.83
C ARG B 89 16.03 14.94 14.59
N LEU B 90 15.64 15.65 15.64
CA LEU B 90 14.62 16.70 15.54
C LEU B 90 15.32 18.03 15.30
N TYR B 91 15.19 18.56 14.09
CA TYR B 91 15.94 19.75 13.70
C TYR B 91 15.22 21.04 14.00
N ASP B 92 13.89 21.02 13.99
CA ASP B 92 13.12 22.24 14.19
C ASP B 92 11.67 21.91 14.54
N LEU B 93 11.08 22.78 15.36
CA LEU B 93 9.64 22.82 15.56
C LEU B 93 9.24 24.25 15.20
N ILE B 94 8.56 24.38 14.07
CA ILE B 94 8.20 25.69 13.53
C ILE B 94 7.19 26.39 14.42
N ILE B 95 7.42 27.69 14.66
CA ILE B 95 6.51 28.52 15.43
C ILE B 95 5.14 28.59 14.74
N PRO B 96 4.06 28.21 15.45
CA PRO B 96 2.70 28.33 14.92
C PRO B 96 2.33 29.78 14.60
N ASP B 97 1.55 30.00 13.54
CA ASP B 97 1.07 31.34 13.19
C ASP B 97 0.18 31.91 14.28
N ASP B 98 -0.58 31.01 14.93
CA ASP B 98 -1.50 31.40 15.98
C ASP B 98 -1.14 30.68 17.27
N LEU B 99 -0.47 31.40 18.16
CA LEU B 99 0.04 30.80 19.39
C LEU B 99 -1.09 30.32 20.29
N LEU B 100 -2.25 30.97 20.20
CA LEU B 100 -3.38 30.63 21.06
C LEU B 100 -4.19 29.45 20.54
N LYS B 101 -4.38 29.39 19.23
CA LYS B 101 -5.37 28.50 18.63
C LYS B 101 -4.82 27.56 17.55
N PHE B 102 -3.51 27.44 17.42
CA PHE B 102 -2.93 26.49 16.45
C PHE B 102 -3.55 25.11 16.58
N ASP B 103 -3.87 24.50 15.42
CA ASP B 103 -4.41 23.15 15.36
C ASP B 103 -3.52 22.26 14.49
N GLU B 104 -2.34 22.80 14.14
CA GLU B 104 -1.34 22.07 13.33
C GLU B 104 0.08 22.37 13.82
N LEU B 105 1.01 21.47 13.47
CA LEU B 105 2.40 21.66 13.82
C LEU B 105 3.29 21.11 12.71
N TYR B 106 4.32 21.87 12.38
CA TYR B 106 5.31 21.45 11.39
C TYR B 106 6.56 21.02 12.14
N ILE B 107 6.89 19.74 11.96
CA ILE B 107 7.98 19.08 12.65
C ILE B 107 9.09 18.76 11.64
N VAL B 108 10.28 19.31 11.88
CA VAL B 108 11.38 19.20 10.92
C VAL B 108 12.38 18.15 11.42
N LEU B 109 12.60 17.14 10.60
CA LEU B 109 13.38 15.97 11.00
C LEU B 109 14.57 15.77 10.08
N GLU B 110 15.61 15.16 10.63
CA GLU B 110 16.65 14.55 9.81
C GLU B 110 16.02 13.67 8.72
N ILE B 111 16.50 13.84 7.48
CA ILE B 111 16.05 13.03 6.34
C ILE B 111 16.84 11.70 6.28
N ALA B 112 16.15 10.61 5.95
CA ALA B 112 16.82 9.34 5.60
C ALA B 112 16.49 9.02 4.14
N ASP B 113 17.29 8.13 3.53
CA ASP B 113 17.06 7.75 2.11
C ASP B 113 15.77 6.97 1.91
N SER B 114 15.42 6.13 2.90
CA SER B 114 14.26 5.26 2.79
C SER B 114 13.81 4.83 4.19
N ASP B 115 12.94 3.84 4.27
CA ASP B 115 12.61 3.19 5.52
C ASP B 115 12.29 1.74 5.20
N LEU B 116 12.24 0.90 6.23
CA LEU B 116 12.07 -0.53 5.97
C LEU B 116 10.75 -0.90 5.27
N LYS B 117 9.68 -0.19 5.59
CA LYS B 117 8.41 -0.46 4.93
C LYS B 117 8.51 -0.24 3.41
N LYS B 118 9.10 0.90 3.02
CA LYS B 118 9.37 1.22 1.62
C LYS B 118 10.33 0.20 0.98
N LEU B 119 11.44 -0.09 1.66
CA LEU B 119 12.41 -1.09 1.20
C LEU B 119 11.76 -2.40 0.76
N PHE B 120 10.88 -2.94 1.59
CA PHE B 120 10.24 -4.24 1.29
C PHE B 120 9.37 -4.21 0.04
N LYS B 121 8.95 -3.02 -0.38
CA LYS B 121 8.11 -2.85 -1.58
C LYS B 121 8.93 -2.54 -2.83
N THR B 122 10.22 -2.28 -2.67
CA THR B 122 11.06 -1.89 -3.79
C THR B 122 11.38 -3.10 -4.64
N PRO B 123 11.73 -2.89 -5.93
CA PRO B 123 12.08 -4.02 -6.78
C PRO B 123 13.54 -4.50 -6.64
N ILE B 124 14.22 -4.20 -5.55
CA ILE B 124 15.59 -4.68 -5.38
C ILE B 124 15.68 -5.84 -4.38
N PHE B 125 16.83 -6.51 -4.35
CA PHE B 125 17.09 -7.63 -3.45
C PHE B 125 18.29 -7.28 -2.59
N LEU B 126 18.37 -7.86 -1.39
CA LEU B 126 19.50 -7.60 -0.48
C LEU B 126 20.39 -8.83 -0.44
N THR B 127 21.68 -8.62 -0.21
CA THR B 127 22.57 -9.72 0.14
C THR B 127 22.37 -10.04 1.61
N GLU B 128 22.89 -11.19 2.05
CA GLU B 128 22.81 -11.54 3.45
C GLU B 128 23.58 -10.54 4.32
N GLU B 129 24.70 -10.03 3.80
CA GLU B 129 25.48 -9.01 4.49
C GLU B 129 24.67 -7.73 4.78
N HIS B 130 23.89 -7.27 3.79
CA HIS B 130 22.99 -6.13 3.97
C HIS B 130 22.03 -6.40 5.12
N ILE B 131 21.41 -7.58 5.12
CA ILE B 131 20.44 -7.97 6.14
C ILE B 131 21.04 -7.98 7.56
N LYS B 132 22.20 -8.63 7.70
CA LYS B 132 22.92 -8.67 8.97
C LYS B 132 23.22 -7.25 9.45
N THR B 133 23.67 -6.41 8.52
CA THR B 133 24.11 -5.05 8.84
C THR B 133 22.94 -4.19 9.34
N ILE B 134 21.82 -4.24 8.62
CA ILE B 134 20.60 -3.53 9.01
C ILE B 134 20.15 -4.02 10.40
N LEU B 135 20.10 -5.33 10.59
CA LEU B 135 19.63 -5.90 11.86
C LEU B 135 20.53 -5.45 13.00
N TYR B 136 21.84 -5.54 12.79
CA TYR B 136 22.83 -5.09 13.77
C TYR B 136 22.61 -3.63 14.16
N ASN B 137 22.46 -2.76 13.16
CA ASN B 137 22.22 -1.33 13.41
C ASN B 137 20.90 -1.05 14.13
N LEU B 138 19.86 -1.81 13.77
CA LEU B 138 18.59 -1.68 14.48
C LEU B 138 18.77 -2.04 15.97
N LEU B 139 19.48 -3.16 16.22
CA LEU B 139 19.75 -3.59 17.59
C LEU B 139 20.55 -2.55 18.37
N LEU B 140 21.53 -1.91 17.73
CA LEU B 140 22.28 -0.84 18.40
C LEU B 140 21.34 0.30 18.81
N GLY B 141 20.44 0.70 17.90
CA GLY B 141 19.47 1.74 18.18
C GLY B 141 18.54 1.39 19.35
N GLU B 142 18.00 0.18 19.33
CA GLU B 142 17.15 -0.30 20.42
C GLU B 142 17.90 -0.32 21.75
N ASN B 143 19.18 -0.70 21.70
CA ASN B 143 19.96 -0.69 22.93
C ASN B 143 20.16 0.71 23.50
N PHE B 144 20.46 1.66 22.63
CA PHE B 144 20.53 3.05 23.06
C PHE B 144 19.19 3.51 23.64
N ILE B 145 18.08 3.12 23.00
CA ILE B 145 16.73 3.49 23.43
C ILE B 145 16.48 2.97 24.84
N HIS B 146 16.72 1.67 25.06
CA HIS B 146 16.48 1.04 26.35
C HIS B 146 17.38 1.58 27.46
N GLU B 147 18.65 1.79 27.15
CA GLU B 147 19.60 2.39 28.09
C GLU B 147 19.23 3.82 28.43
N SER B 148 18.37 4.43 27.61
CA SER B 148 17.88 5.78 27.85
C SER B 148 16.63 5.76 28.73
N GLY B 149 16.19 4.57 29.13
CA GLY B 149 15.02 4.43 30.01
C GLY B 149 13.69 4.38 29.29
N ILE B 150 13.71 3.98 28.02
CA ILE B 150 12.53 3.98 27.14
C ILE B 150 12.29 2.60 26.52
N ILE B 151 11.02 2.20 26.50
CA ILE B 151 10.57 1.10 25.67
C ILE B 151 9.86 1.77 24.48
N HIS B 152 10.27 1.43 23.25
CA HIS B 152 9.67 2.06 22.07
C HIS B 152 8.19 1.69 21.96
N ARG B 153 7.91 0.38 22.11
CA ARG B 153 6.55 -0.19 22.17
C ARG B 153 5.77 -0.21 20.84
N ASP B 154 6.33 0.40 19.81
CA ASP B 154 5.64 0.35 18.52
C ASP B 154 6.61 0.25 17.34
N LEU B 155 7.64 -0.58 17.50
CA LEU B 155 8.62 -0.75 16.43
C LEU B 155 7.97 -1.46 15.27
N LYS B 156 8.22 -0.94 14.07
CA LYS B 156 7.70 -1.52 12.83
C LYS B 156 8.49 -0.98 11.66
N PRO B 157 8.36 -1.61 10.48
CA PRO B 157 9.20 -1.19 9.35
C PRO B 157 9.07 0.29 9.00
N ALA B 158 7.87 0.87 9.16
CA ALA B 158 7.60 2.28 8.86
C ALA B 158 8.37 3.27 9.75
N ASN B 159 8.83 2.83 10.91
CA ASN B 159 9.59 3.75 11.77
C ASN B 159 11.05 3.36 11.97
N CYS B 160 11.50 2.41 11.16
CA CYS B 160 12.91 2.10 11.06
C CYS B 160 13.42 2.71 9.77
N LEU B 161 13.97 3.91 9.88
CA LEU B 161 14.47 4.61 8.70
C LEU B 161 15.82 4.07 8.29
N LEU B 162 16.16 4.25 7.01
CA LEU B 162 17.27 3.52 6.41
C LEU B 162 18.02 4.37 5.41
N ASN B 163 19.35 4.35 5.50
CA ASN B 163 20.18 4.98 4.48
C ASN B 163 20.85 3.94 3.59
N GLN B 164 21.36 4.38 2.45
CA GLN B 164 21.99 3.51 1.45
C GLN B 164 23.11 2.64 2.02
N ASP B 165 23.84 3.16 3.00
CA ASP B 165 24.92 2.42 3.65
C ASP B 165 24.44 1.45 4.74
N CYS B 166 23.13 1.25 4.80
CA CYS B 166 22.50 0.33 5.79
C CYS B 166 22.45 0.86 7.22
N SER B 167 22.80 2.13 7.43
CA SER B 167 22.57 2.69 8.76
C SER B 167 21.07 2.81 9.00
N VAL B 168 20.67 2.58 10.26
CA VAL B 168 19.27 2.54 10.64
C VAL B 168 18.99 3.66 11.66
N LYS B 169 17.90 4.40 11.45
CA LYS B 169 17.52 5.42 12.41
C LYS B 169 16.08 5.23 12.84
N VAL B 170 15.90 5.09 14.15
CA VAL B 170 14.57 4.83 14.70
C VAL B 170 13.85 6.15 14.95
N CYS B 171 12.53 6.12 14.82
CA CYS B 171 11.73 7.29 15.18
C CYS B 171 10.34 6.87 15.65
N ASP B 172 9.47 7.87 15.82
CA ASP B 172 8.04 7.69 16.13
C ASP B 172 7.83 7.10 17.52
N PHE B 173 8.18 7.88 18.53
CA PHE B 173 8.12 7.42 19.93
C PHE B 173 6.80 7.78 20.63
N GLY B 174 5.76 8.04 19.85
CA GLY B 174 4.46 8.43 20.39
C GLY B 174 3.81 7.43 21.33
N LEU B 175 4.13 6.13 21.20
CA LEU B 175 3.58 5.12 22.10
C LEU B 175 4.58 4.62 23.14
N ALA B 176 5.75 5.25 23.19
CA ALA B 176 6.84 4.79 24.03
C ALA B 176 6.52 4.92 25.53
N ARG B 177 7.02 3.97 26.31
CA ARG B 177 6.87 3.97 27.76
C ARG B 177 8.21 4.19 28.43
N THR B 178 8.19 4.95 29.52
CA THR B 178 9.36 5.15 30.35
C THR B 178 9.54 3.92 31.26
N ILE B 179 10.74 3.33 31.24
CA ILE B 179 11.06 2.20 32.13
C ILE B 179 11.16 2.72 33.58
N ASN B 180 10.25 2.27 34.44
CA ASN B 180 10.22 2.71 35.85
C ASN B 180 10.70 1.61 36.81
N SER B 210 -11.81 7.44 14.18
CA SER B 210 -10.93 6.43 14.76
C SER B 210 -9.77 6.16 13.81
N HIS B 211 -8.97 5.13 14.10
CA HIS B 211 -7.87 4.73 13.23
C HIS B 211 -7.76 3.23 13.23
N VAL B 212 -7.45 2.65 12.08
CA VAL B 212 -7.04 1.25 12.03
C VAL B 212 -5.58 1.16 12.49
N VAL B 213 -5.34 0.39 13.54
CA VAL B 213 -4.02 0.25 14.15
C VAL B 213 -3.35 -1.04 13.65
N THR B 214 -2.09 -0.92 13.21
CA THR B 214 -1.28 -2.06 12.81
C THR B 214 -0.77 -2.80 14.06
N ARG B 215 -1.26 -4.02 14.24
CA ARG B 215 -0.93 -4.81 15.42
C ARG B 215 0.07 -5.93 15.10
N TRP B 216 0.55 -5.97 13.87
CA TRP B 216 1.31 -7.11 13.36
C TRP B 216 2.70 -7.31 13.98
N TYR B 217 3.17 -6.31 14.70
CA TYR B 217 4.52 -6.30 15.29
C TYR B 217 4.46 -6.29 16.81
N ARG B 218 3.26 -6.43 17.36
CA ARG B 218 3.05 -6.38 18.80
C ARG B 218 3.28 -7.73 19.47
N ALA B 219 4.06 -7.73 20.54
CA ALA B 219 4.32 -8.93 21.34
C ALA B 219 3.02 -9.48 21.91
N PRO B 220 2.89 -10.82 22.00
CA PRO B 220 1.63 -11.40 22.51
C PRO B 220 1.15 -10.86 23.88
N GLU B 221 2.07 -10.51 24.77
CA GLU B 221 1.66 -9.95 26.08
C GLU B 221 1.04 -8.54 25.96
N LEU B 222 1.30 -7.87 24.83
CA LEU B 222 0.67 -6.60 24.49
C LEU B 222 -0.72 -6.85 23.90
N ILE B 223 -0.81 -7.84 23.01
CA ILE B 223 -2.09 -8.29 22.45
C ILE B 223 -3.04 -8.72 23.57
N LEU B 224 -2.49 -9.35 24.60
CA LEU B 224 -3.27 -9.82 25.75
C LEU B 224 -3.49 -8.74 26.82
N LEU B 225 -3.14 -7.50 26.50
CA LEU B 225 -3.39 -6.32 27.36
C LEU B 225 -2.79 -6.40 28.76
N GLN B 226 -1.70 -7.16 28.91
CA GLN B 226 -1.01 -7.25 30.20
C GLN B 226 -0.33 -5.93 30.51
N GLU B 227 -0.29 -5.57 31.78
CA GLU B 227 0.27 -4.29 32.21
C GLU B 227 1.74 -4.36 32.63
N ASN B 228 2.20 -5.55 32.98
CA ASN B 228 3.54 -5.73 33.56
C ASN B 228 4.69 -5.99 32.57
N TYR B 229 4.46 -5.69 31.28
CA TYR B 229 5.45 -5.99 30.22
C TYR B 229 6.76 -5.21 30.35
N THR B 230 7.77 -5.62 29.60
CA THR B 230 9.11 -5.04 29.68
C THR B 230 9.64 -4.66 28.29
N LYS B 231 10.86 -4.14 28.25
CA LYS B 231 11.54 -3.79 27.00
C LYS B 231 11.65 -4.99 26.04
N SER B 232 11.44 -6.20 26.55
CA SER B 232 11.47 -7.38 25.70
C SER B 232 10.36 -7.39 24.63
N ILE B 233 9.33 -6.55 24.78
CA ILE B 233 8.34 -6.39 23.72
C ILE B 233 8.98 -5.86 22.43
N ASP B 234 10.03 -5.04 22.57
CA ASP B 234 10.76 -4.49 21.42
C ASP B 234 11.54 -5.56 20.64
N ILE B 235 12.01 -6.57 21.38
CA ILE B 235 12.71 -7.71 20.77
C ILE B 235 11.77 -8.56 19.92
N TRP B 236 10.56 -8.80 20.41
CA TRP B 236 9.53 -9.47 19.63
C TRP B 236 9.32 -8.73 18.31
N SER B 237 9.10 -7.42 18.40
CA SER B 237 8.93 -6.58 17.19
C SER B 237 10.12 -6.71 16.26
N THR B 238 11.32 -6.80 16.83
CA THR B 238 12.55 -6.91 16.06
C THR B 238 12.58 -8.23 15.28
N GLY B 239 12.12 -9.32 15.92
CA GLY B 239 11.95 -10.61 15.24
C GLY B 239 11.00 -10.54 14.06
N CYS B 240 9.90 -9.82 14.24
CA CYS B 240 8.93 -9.58 13.16
C CYS B 240 9.60 -8.88 11.99
N ILE B 241 10.39 -7.84 12.29
CA ILE B 241 11.06 -7.04 11.27
C ILE B 241 12.17 -7.83 10.56
N PHE B 242 12.92 -8.59 11.37
CA PHE B 242 13.96 -9.49 10.87
C PHE B 242 13.34 -10.47 9.86
N ALA B 243 12.17 -11.03 10.18
CA ALA B 243 11.49 -11.95 9.25
C ALA B 243 11.24 -11.31 7.88
N GLU B 244 10.81 -10.05 7.86
CA GLU B 244 10.61 -9.33 6.60
C GLU B 244 11.91 -8.98 5.89
N LEU B 245 12.95 -8.65 6.66
CA LEU B 245 14.29 -8.47 6.10
C LEU B 245 14.76 -9.73 5.35
N LEU B 246 14.54 -10.90 5.95
CA LEU B 246 14.90 -12.18 5.31
C LEU B 246 14.19 -12.44 3.97
N ASN B 247 12.96 -11.92 3.84
CA ASN B 247 12.20 -11.95 2.58
C ASN B 247 12.90 -11.23 1.44
N MET B 248 13.86 -10.37 1.79
CA MET B 248 14.60 -9.58 0.80
C MET B 248 15.67 -10.36 0.03
N LEU B 249 15.94 -11.60 0.44
CA LEU B 249 16.85 -12.46 -0.30
C LEU B 249 16.15 -13.03 -1.52
N GLN B 250 16.75 -12.81 -2.69
CA GLN B 250 16.21 -13.35 -3.94
C GLN B 250 16.03 -14.88 -3.89
N SER B 251 16.96 -15.58 -3.23
CA SER B 251 16.88 -17.05 -3.09
C SER B 251 15.70 -17.51 -2.22
N HIS B 252 15.12 -16.60 -1.44
CA HIS B 252 13.89 -16.92 -0.70
C HIS B 252 12.66 -16.55 -1.52
N ILE B 253 12.68 -15.35 -2.09
CA ILE B 253 11.53 -14.80 -2.81
C ILE B 253 12.02 -14.03 -4.01
N ASN B 254 11.72 -14.54 -5.21
CA ASN B 254 12.22 -13.96 -6.44
C ASN B 254 11.34 -12.84 -7.00
N ASP B 255 10.11 -12.77 -6.51
CA ASP B 255 9.13 -11.77 -6.93
C ASP B 255 8.76 -10.90 -5.73
N PRO B 256 9.19 -9.61 -5.75
CA PRO B 256 8.97 -8.66 -4.64
C PRO B 256 7.51 -8.58 -4.16
N THR B 257 6.55 -8.87 -5.03
CA THR B 257 5.13 -8.84 -4.67
C THR B 257 4.70 -10.01 -3.80
N ASN B 258 5.58 -11.01 -3.64
CA ASN B 258 5.31 -12.13 -2.76
C ASN B 258 5.88 -12.01 -1.33
N ARG B 259 6.35 -10.81 -0.98
CA ARG B 259 6.89 -10.53 0.36
C ARG B 259 5.77 -10.05 1.28
N PHE B 260 5.62 -10.70 2.43
CA PHE B 260 4.56 -10.35 3.35
C PHE B 260 5.07 -10.31 4.79
N PRO B 261 4.40 -9.56 5.66
CA PRO B 261 4.74 -9.66 7.09
C PRO B 261 4.51 -11.07 7.61
N LEU B 262 5.15 -11.41 8.72
CA LEU B 262 5.06 -12.75 9.29
C LEU B 262 3.74 -13.00 10.04
N PHE B 263 3.24 -11.98 10.73
CA PHE B 263 2.02 -12.12 11.52
C PHE B 263 0.93 -11.12 11.10
N PRO B 264 0.44 -11.18 9.85
CA PRO B 264 -0.62 -10.25 9.47
C PRO B 264 -2.01 -10.74 9.91
N GLY B 265 -2.28 -10.69 11.21
CA GLY B 265 -3.54 -11.24 11.74
C GLY B 265 -4.67 -10.23 11.78
N SER B 266 -4.44 -9.12 12.47
N SER B 266 -4.44 -9.12 12.47
CA SER B 266 -5.42 -8.04 12.56
CA SER B 266 -5.42 -8.04 12.57
C SER B 266 -5.72 -7.46 11.18
C SER B 266 -5.71 -7.41 11.20
N SER B 267 -6.99 -7.15 10.94
CA SER B 267 -7.45 -6.62 9.65
C SER B 267 -6.93 -5.21 9.34
N CYS B 268 -6.66 -4.97 8.06
CA CYS B 268 -6.32 -3.64 7.53
C CYS B 268 -7.51 -2.67 7.56
N PHE B 269 -8.73 -3.23 7.58
CA PHE B 269 -9.97 -2.45 7.41
C PHE B 269 -10.88 -2.56 8.63
N HIS B 281 -11.87 -3.95 18.68
CA HIS B 281 -10.66 -4.12 19.48
C HIS B 281 -10.53 -5.55 20.03
N GLU B 282 -11.67 -6.24 20.15
CA GLU B 282 -11.72 -7.60 20.68
C GLU B 282 -11.51 -8.65 19.60
N LYS B 283 -12.08 -8.41 18.42
CA LYS B 283 -11.91 -9.29 17.27
C LYS B 283 -10.49 -9.23 16.70
N SER B 284 -9.94 -8.01 16.60
CA SER B 284 -8.60 -7.78 16.09
C SER B 284 -7.55 -8.54 16.89
N ASN B 285 -7.60 -8.39 18.22
CA ASN B 285 -6.67 -9.03 19.12
C ASN B 285 -6.76 -10.55 19.06
N ARG B 286 -7.97 -11.06 18.86
CA ARG B 286 -8.18 -12.49 18.68
C ARG B 286 -7.51 -13.00 17.41
N ASP B 287 -7.75 -12.33 16.28
CA ASP B 287 -7.13 -12.72 15.00
C ASP B 287 -5.61 -12.61 15.01
N GLN B 288 -5.09 -11.59 15.68
CA GLN B 288 -3.65 -11.40 15.78
C GLN B 288 -3.01 -12.50 16.62
N LEU B 289 -3.63 -12.81 17.75
CA LEU B 289 -3.13 -13.86 18.64
C LEU B 289 -3.20 -15.22 17.95
N ASN B 290 -4.29 -15.43 17.22
CA ASN B 290 -4.46 -16.64 16.42
C ASN B 290 -3.34 -16.88 15.41
N ILE B 291 -2.95 -15.85 14.65
CA ILE B 291 -1.89 -16.02 13.65
C ILE B 291 -0.51 -16.24 14.29
N ILE B 292 -0.31 -15.67 15.47
CA ILE B 292 0.92 -15.89 16.24
C ILE B 292 1.05 -17.37 16.60
N PHE B 293 -0.02 -17.94 17.16
CA PHE B 293 -0.05 -19.37 17.50
C PHE B 293 0.06 -20.26 16.27
N ASN B 294 -0.45 -19.79 15.13
CA ASN B 294 -0.27 -20.52 13.87
C ASN B 294 1.20 -20.65 13.45
N ILE B 295 2.01 -19.68 13.84
CA ILE B 295 3.42 -19.63 13.48
C ILE B 295 4.34 -20.26 14.54
N ILE B 296 4.17 -19.88 15.80
CA ILE B 296 5.02 -20.38 16.88
C ILE B 296 4.34 -21.46 17.74
N GLY B 297 3.15 -21.89 17.32
CA GLY B 297 2.36 -22.86 18.07
C GLY B 297 1.64 -22.24 19.26
N THR B 298 0.69 -22.98 19.82
CA THR B 298 0.04 -22.59 21.06
C THR B 298 1.05 -22.66 22.21
N PRO B 299 0.86 -21.84 23.26
CA PRO B 299 1.84 -21.79 24.35
C PRO B 299 1.89 -23.08 25.17
N THR B 300 3.09 -23.44 25.60
CA THR B 300 3.29 -24.62 26.46
C THR B 300 2.85 -24.28 27.88
N GLU B 301 2.73 -25.30 28.73
CA GLU B 301 2.40 -25.09 30.14
C GLU B 301 3.44 -24.19 30.82
N ASP B 302 4.71 -24.40 30.45
CA ASP B 302 5.82 -23.59 30.94
C ASP B 302 5.68 -22.11 30.57
N ASP B 303 5.26 -21.83 29.33
CA ASP B 303 5.03 -20.45 28.87
C ASP B 303 3.99 -19.72 29.72
N LEU B 304 2.97 -20.47 30.15
CA LEU B 304 1.86 -19.92 30.93
C LEU B 304 2.23 -19.61 32.38
N LYS B 305 3.24 -20.29 32.91
CA LYS B 305 3.68 -20.12 34.30
C LYS B 305 3.98 -18.66 34.66
N ASN B 306 4.55 -17.91 33.72
CA ASN B 306 4.85 -16.48 33.91
C ASN B 306 3.60 -15.61 34.06
N ILE B 307 2.44 -16.12 33.60
CA ILE B 307 1.15 -15.45 33.76
C ILE B 307 0.44 -15.96 35.02
N LYS B 309 -2.58 -14.10 36.06
CA LYS B 309 -4.02 -13.96 35.93
C LYS B 309 -4.66 -15.26 35.40
N PRO B 310 -5.58 -15.86 36.19
CA PRO B 310 -6.27 -17.08 35.77
C PRO B 310 -7.24 -16.89 34.60
N GLU B 311 -7.82 -15.69 34.51
CA GLU B 311 -8.77 -15.36 33.45
C GLU B 311 -8.09 -15.34 32.07
N VAL B 312 -6.89 -14.79 32.02
CA VAL B 312 -6.07 -14.74 30.80
C VAL B 312 -5.69 -16.15 30.34
N ILE B 313 -5.25 -16.99 31.27
CA ILE B 313 -4.89 -18.38 30.98
C ILE B 313 -6.10 -19.15 30.47
N LYS B 314 -7.26 -18.88 31.07
CA LYS B 314 -8.53 -19.46 30.63
C LYS B 314 -8.85 -19.06 29.18
N TYR B 315 -8.51 -17.81 28.82
CA TYR B 315 -8.72 -17.30 27.45
C TYR B 315 -7.82 -17.97 26.42
N ILE B 316 -6.53 -18.08 26.73
CA ILE B 316 -5.56 -18.71 25.84
C ILE B 316 -5.92 -20.16 25.56
N LYS B 317 -6.45 -20.84 26.58
CA LYS B 317 -6.84 -22.25 26.45
C LYS B 317 -7.95 -22.49 25.43
N LEU B 318 -8.80 -21.48 25.23
CA LEU B 318 -9.85 -21.52 24.20
C LEU B 318 -9.29 -21.75 22.78
N PHE B 319 -8.05 -21.33 22.56
CA PHE B 319 -7.35 -21.56 21.28
C PHE B 319 -6.91 -23.02 21.14
N PRO B 320 -7.48 -23.75 20.17
CA PRO B 320 -7.11 -25.15 19.94
C PRO B 320 -5.61 -25.33 19.75
N HIS B 321 -5.04 -26.35 20.39
CA HIS B 321 -3.61 -26.64 20.31
C HIS B 321 -3.10 -26.78 18.88
N ARG B 322 -1.88 -26.31 18.64
CA ARG B 322 -1.22 -26.47 17.34
C ARG B 322 0.30 -26.40 17.47
N LYS B 323 0.99 -26.97 16.48
CA LYS B 323 2.44 -27.00 16.45
C LYS B 323 3.04 -25.75 15.82
N PRO B 324 4.27 -25.38 16.22
CA PRO B 324 4.98 -24.32 15.49
C PRO B 324 5.37 -24.80 14.09
N ILE B 325 5.39 -23.90 13.12
CA ILE B 325 5.89 -24.22 11.78
C ILE B 325 7.42 -24.35 11.83
N ASN B 326 7.99 -24.95 10.79
CA ASN B 326 9.43 -25.12 10.69
C ASN B 326 10.08 -23.93 9.96
N LEU B 327 10.81 -23.12 10.72
CA LEU B 327 11.45 -21.90 10.21
C LEU B 327 12.55 -22.18 9.20
N LYS B 328 13.25 -23.31 9.38
CA LYS B 328 14.32 -23.73 8.48
C LYS B 328 13.80 -24.00 7.07
N GLN B 329 12.59 -24.57 6.99
CA GLN B 329 11.95 -24.81 5.70
C GLN B 329 11.40 -23.52 5.08
N LYS B 330 10.83 -22.65 5.92
CA LYS B 330 10.34 -21.36 5.44
C LYS B 330 11.48 -20.50 4.90
N TYR B 331 12.62 -20.51 5.57
CA TYR B 331 13.79 -19.75 5.13
C TYR B 331 15.00 -20.66 4.86
N PRO B 332 14.97 -21.44 3.75
CA PRO B 332 15.99 -22.48 3.53
C PRO B 332 17.39 -21.96 3.18
N SER B 333 17.52 -20.71 2.78
CA SER B 333 18.84 -20.15 2.44
C SER B 333 19.64 -19.66 3.64
N ILE B 334 19.01 -19.60 4.80
CA ILE B 334 19.66 -19.09 6.01
C ILE B 334 20.31 -20.23 6.79
N SER B 335 21.51 -20.01 7.33
CA SER B 335 22.16 -21.02 8.17
C SER B 335 21.37 -21.25 9.46
N ASP B 336 21.74 -22.32 10.17
CA ASP B 336 21.12 -22.64 11.45
C ASP B 336 21.30 -21.50 12.48
N ASP B 337 22.38 -20.73 12.35
CA ASP B 337 22.65 -19.56 13.20
C ASP B 337 21.59 -18.47 13.03
N GLY B 338 21.31 -18.10 11.78
CA GLY B 338 20.31 -17.07 11.49
C GLY B 338 18.93 -17.47 11.97
N ILE B 339 18.57 -18.71 11.70
CA ILE B 339 17.28 -19.27 12.10
C ILE B 339 17.13 -19.28 13.61
N ASN B 340 18.21 -19.63 14.30
CA ASN B 340 18.24 -19.62 15.75
C ASN B 340 18.05 -18.21 16.32
N LEU B 341 18.69 -17.22 15.72
CA LEU B 341 18.51 -15.84 16.12
C LEU B 341 17.03 -15.42 15.99
N LEU B 342 16.44 -15.67 14.84
CA LEU B 342 15.03 -15.35 14.59
C LEU B 342 14.12 -16.04 15.59
N GLU B 343 14.30 -17.36 15.72
CA GLU B 343 13.52 -18.19 16.63
C GLU B 343 13.54 -17.64 18.06
N SER B 344 14.71 -17.21 18.51
CA SER B 344 14.90 -16.80 19.90
C SER B 344 14.33 -15.39 20.16
N MET B 345 14.05 -14.63 19.10
CA MET B 345 13.38 -13.34 19.22
C MET B 345 11.87 -13.52 19.34
N LEU B 346 11.34 -14.54 18.67
CA LEU B 346 9.90 -14.78 18.59
C LEU B 346 9.39 -15.82 19.61
N LYS B 347 9.77 -15.61 20.87
CA LYS B 347 9.33 -16.47 21.96
C LYS B 347 8.08 -15.87 22.61
N PHE B 348 7.08 -16.72 22.83
CA PHE B 348 5.86 -16.29 23.52
C PHE B 348 6.18 -15.73 24.91
N ASN B 349 6.94 -16.48 25.69
CA ASN B 349 7.32 -16.03 27.02
C ASN B 349 8.41 -14.96 26.92
N PRO B 350 8.13 -13.75 27.40
CA PRO B 350 9.08 -12.63 27.23
C PRO B 350 10.42 -12.88 27.90
N ASN B 351 10.42 -13.63 29.01
CA ASN B 351 11.65 -14.01 29.71
C ASN B 351 12.55 -14.95 28.91
N LYS B 352 11.94 -15.76 28.05
CA LYS B 352 12.66 -16.71 27.19
C LYS B 352 13.28 -16.03 25.97
N ARG B 353 12.84 -14.82 25.64
CA ARG B 353 13.32 -14.08 24.47
C ARG B 353 14.78 -13.71 24.64
N ILE B 354 15.52 -13.76 23.54
CA ILE B 354 16.90 -13.26 23.52
C ILE B 354 16.90 -11.79 23.95
N THR B 355 17.97 -11.37 24.62
CA THR B 355 18.12 -9.96 24.94
C THR B 355 18.92 -9.29 23.83
N ILE B 356 18.93 -7.96 23.83
CA ILE B 356 19.76 -7.21 22.89
C ILE B 356 21.24 -7.55 23.04
N ASP B 357 21.73 -7.61 24.28
CA ASP B 357 23.14 -7.97 24.55
C ASP B 357 23.50 -9.33 23.96
N GLN B 358 22.64 -10.32 24.20
CA GLN B 358 22.81 -11.67 23.66
C GLN B 358 22.74 -11.71 22.13
N ALA B 359 21.87 -10.87 21.56
CA ALA B 359 21.72 -10.75 20.10
C ALA B 359 22.95 -10.14 19.47
N LEU B 360 23.53 -9.13 20.13
CA LEU B 360 24.75 -8.51 19.64
C LEU B 360 25.95 -9.46 19.76
N ASP B 361 25.85 -10.41 20.68
CA ASP B 361 26.88 -11.46 20.91
C ASP B 361 26.70 -12.68 19.99
N HIS B 362 25.60 -12.72 19.24
CA HIS B 362 25.21 -13.89 18.46
C HIS B 362 26.19 -14.20 17.31
N PRO B 363 26.50 -15.48 17.08
CA PRO B 363 27.35 -15.90 15.95
C PRO B 363 26.87 -15.32 14.60
N TYR B 364 25.56 -15.30 14.37
CA TYR B 364 25.01 -14.75 13.13
C TYR B 364 25.55 -13.37 12.79
N LEU B 365 25.72 -12.51 13.80
CA LEU B 365 26.14 -11.12 13.56
C LEU B 365 27.65 -10.87 13.76
N LYS B 366 28.39 -11.92 14.04
CA LYS B 366 29.84 -11.79 14.30
C LYS B 366 30.60 -10.98 13.24
N ASP B 367 30.35 -11.23 11.96
CA ASP B 367 31.14 -10.58 10.89
C ASP B 367 30.78 -9.11 10.61
N VAL B 368 29.66 -8.64 11.15
CA VAL B 368 29.30 -7.23 10.98
C VAL B 368 29.51 -6.40 12.24
N ARG B 369 29.67 -7.06 13.39
CA ARG B 369 29.82 -6.36 14.65
C ARG B 369 31.08 -5.48 14.66
N LYS B 370 30.90 -4.24 15.11
CA LYS B 370 32.00 -3.30 15.29
C LYS B 370 31.97 -2.85 16.74
N LYS B 371 32.37 -3.77 17.63
CA LYS B 371 32.37 -3.56 19.08
C LYS B 371 33.01 -2.22 19.48
N LYS B 372 34.15 -1.90 18.86
CA LYS B 372 34.90 -0.67 19.13
C LYS B 372 34.10 0.61 18.88
N LEU B 373 33.15 0.55 17.95
CA LEU B 373 32.33 1.71 17.60
C LEU B 373 31.09 1.84 18.48
N GLU B 374 30.83 0.84 19.30
CA GLU B 374 29.70 0.86 20.25
C GLU B 374 30.08 1.64 21.50
N THR B 378 25.27 6.25 28.72
CA THR B 378 24.21 7.16 28.27
C THR B 378 23.22 7.50 29.39
N LYS B 379 22.72 8.75 29.37
CA LYS B 379 21.79 9.23 30.40
C LYS B 379 20.32 8.84 30.18
N LYS B 380 19.60 8.62 31.26
CA LYS B 380 18.18 8.34 31.21
C LYS B 380 17.46 9.67 30.95
N ILE B 381 16.57 9.68 29.95
CA ILE B 381 15.89 10.93 29.63
C ILE B 381 14.76 11.23 30.60
N ILE B 382 14.53 12.51 30.83
CA ILE B 382 13.44 12.95 31.70
C ILE B 382 12.44 13.78 30.91
N LEU B 383 11.20 13.32 30.89
CA LEU B 383 10.13 13.99 30.17
C LEU B 383 9.53 15.12 31.00
N PRO B 384 9.05 16.20 30.34
CA PRO B 384 8.61 17.38 31.08
C PRO B 384 7.24 17.21 31.74
N PHE B 385 6.59 16.09 31.48
CA PHE B 385 5.33 15.73 32.08
C PHE B 385 5.42 14.29 32.56
N ASP B 386 4.56 13.93 33.50
CA ASP B 386 4.50 12.55 33.97
C ASP B 386 3.54 11.74 33.09
N ASP B 387 4.02 10.60 32.59
CA ASP B 387 3.27 9.74 31.64
C ASP B 387 1.81 9.49 32.04
N TRP B 388 1.59 9.33 33.34
CA TRP B 388 0.27 8.94 33.87
C TRP B 388 -0.81 10.02 33.80
N MET B 389 -0.43 11.29 33.98
N MET B 389 -0.43 11.29 33.99
CA MET B 389 -1.39 12.40 34.07
CA MET B 389 -1.42 12.37 34.11
C MET B 389 -2.14 12.66 32.78
C MET B 389 -2.14 12.70 32.81
N VAL B 390 -3.47 12.78 32.89
CA VAL B 390 -4.30 13.21 31.77
C VAL B 390 -4.15 14.72 31.70
N LEU B 391 -3.69 15.19 30.55
CA LEU B 391 -3.45 16.61 30.34
C LEU B 391 -4.64 17.23 29.64
N SER B 392 -4.98 18.46 30.04
CA SER B 392 -6.02 19.22 29.36
C SER B 392 -5.43 19.85 28.10
N GLU B 393 -6.29 20.35 27.22
CA GLU B 393 -5.86 21.05 26.03
C GLU B 393 -4.95 22.23 26.36
N THR B 394 -5.26 22.97 27.42
CA THR B 394 -4.49 24.16 27.77
C THR B 394 -3.07 23.77 28.23
N GLN B 395 -2.98 22.70 29.00
CA GLN B 395 -1.68 22.16 29.45
C GLN B 395 -0.87 21.66 28.25
N LEU B 396 -1.53 20.91 27.36
CA LEU B 396 -0.89 20.40 26.16
C LEU B 396 -0.32 21.56 25.35
N ARG B 397 -1.12 22.60 25.14
CA ARG B 397 -0.65 23.77 24.37
C ARG B 397 0.59 24.40 25.00
N TYR B 398 0.60 24.50 26.33
CA TYR B 398 1.76 25.05 27.04
C TYR B 398 3.05 24.27 26.76
N ILE B 399 2.98 22.94 26.89
CA ILE B 399 4.16 22.09 26.69
C ILE B 399 4.60 22.11 25.23
N PHE B 400 3.65 22.07 24.29
CA PHE B 400 4.02 22.21 22.88
C PHE B 400 4.83 23.48 22.64
N LEU B 401 4.35 24.60 23.16
CA LEU B 401 5.03 25.88 22.95
C LEU B 401 6.37 25.97 23.66
N LYS B 402 6.48 25.33 24.81
CA LYS B 402 7.77 25.25 25.49
C LYS B 402 8.80 24.47 24.65
N GLU B 403 8.35 23.38 24.02
CA GLU B 403 9.20 22.60 23.11
C GLU B 403 9.59 23.42 21.88
N VAL B 404 8.63 24.15 21.33
CA VAL B 404 8.92 25.08 20.22
C VAL B 404 9.95 26.11 20.68
N GLN B 405 9.78 26.63 21.89
CA GLN B 405 10.69 27.61 22.47
C GLN B 405 12.14 27.11 22.60
N SER B 406 12.32 25.80 22.83
CA SER B 406 13.68 25.23 22.88
C SER B 406 14.43 25.43 21.57
N PHE B 407 13.69 25.49 20.46
CA PHE B 407 14.29 25.80 19.15
C PHE B 407 14.27 27.27 18.82
N HIS B 408 13.37 28.01 19.48
CA HIS B 408 13.22 29.45 19.21
C HIS B 408 13.09 30.19 20.53
N PRO B 409 14.25 30.49 21.17
CA PRO B 409 14.30 31.09 22.51
C PRO B 409 13.53 32.40 22.65
N GLU B 410 13.42 33.15 21.56
CA GLU B 410 12.76 34.46 21.57
C GLU B 410 11.23 34.34 21.61
N LEU B 411 10.69 33.13 21.48
CA LEU B 411 9.25 32.94 21.53
C LEU B 411 8.69 33.33 22.91
N VAL B 412 7.68 34.19 22.90
CA VAL B 412 7.00 34.59 24.11
C VAL B 412 5.72 33.77 24.19
N ILE B 413 5.68 32.87 25.16
CA ILE B 413 4.52 32.02 25.37
C ILE B 413 3.43 32.85 26.04
N PRO B 414 2.18 32.79 25.53
CA PRO B 414 1.08 33.57 26.13
C PRO B 414 0.87 33.26 27.62
N SER B 415 0.67 34.30 28.41
CA SER B 415 0.45 34.20 29.87
C SER B 415 -0.61 33.18 30.28
N VAL B 416 -1.66 33.05 29.46
CA VAL B 416 -2.73 32.08 29.73
C VAL B 416 -2.22 30.64 29.73
N PHE B 417 -1.09 30.40 29.07
CA PHE B 417 -0.44 29.09 29.06
C PHE B 417 0.62 28.97 30.17
N THR B 418 1.40 30.03 30.36
CA THR B 418 2.51 30.02 31.33
C THR B 418 2.05 29.85 32.78
N ILE B 419 0.77 30.10 33.06
CA ILE B 419 0.24 29.82 34.40
C ILE B 419 0.43 28.34 34.78
N HIS B 420 0.57 27.48 33.77
CA HIS B 420 0.79 26.05 33.99
C HIS B 420 2.26 25.64 34.22
N GLU B 421 3.17 26.62 34.13
CA GLU B 421 4.62 26.44 34.33
C GLU B 421 5.04 25.48 35.44
N ASN B 422 4.52 25.74 36.64
CA ASN B 422 5.03 25.08 37.84
C ASN B 422 4.61 23.63 37.91
N ASN B 423 3.78 23.19 36.98
CA ASN B 423 3.36 21.80 36.96
C ASN B 423 4.17 20.92 36.01
N PHE B 424 5.10 21.51 35.27
CA PHE B 424 5.87 20.80 34.23
C PHE B 424 7.32 21.24 34.21
N TYR B 425 8.16 20.47 33.50
CA TYR B 425 9.59 20.74 33.40
C TYR B 425 10.24 20.82 34.79
N ASN B 426 9.73 20.00 35.70
CA ASN B 426 10.16 20.06 37.10
C ASN B 426 11.54 19.45 37.36
N ASN B 427 11.87 18.41 36.62
CA ASN B 427 13.10 17.62 36.87
C ASN B 427 14.31 18.13 36.10
#